data_1NF7
#
_entry.id   1NF7
#
_cell.length_a   146.580
_cell.length_b   146.580
_cell.length_c   128.920
_cell.angle_alpha   90.00
_cell.angle_beta   90.00
_cell.angle_gamma   90.00
#
_symmetry.space_group_name_H-M   'I 4'
#
loop_
_entity.id
_entity.type
_entity.pdbx_description
1 polymer "Inosine-5'-monophosphate dehydrogenase 2"
2 non-polymer 'POTASSIUM ION'
3 non-polymer 'RIBAVIRIN MONOPHOSPHATE'
4 non-polymer '{[5-(6-AMINO-PURIN-7-YL)-3,4-DIHYDROXY-TETRAHYDRO-FURAN-2-YLMETHOXY]-HYDROXY-PHOSPHORYLMETHYL}-PHOSPHONIC ACID MONO-[2-(4-HYDROXY-6-METHOXY-7-METHYL-3-OXO-1,3-DIHYDRO-ISOBENZOFURAN-5-YL)-ETHYL] ESTER'
5 non-polymer 'UNKNOWN LIGAND'
6 water water
#
_entity_poly.entity_id   1
_entity_poly.type   'polypeptide(L)'
_entity_poly.pdbx_seq_one_letter_code
;MADYLISGGTSYVPDDGLTAQQLFNCGDGLTYNDFLILPGYIDFTADQVDLTSALTKKITLKTPLVSSPMDTVTEAGMAI
AMALTGGIGFIHHNCTPEFQANEVRKVKKYEQGFITDPVVLSPKDRVRDVFEAKARHGFCGIPITDTGRMGSRLVGIISS
RDIDFLKEEEHDCFLEEIMTKREDLVVAPAGITLKEANEILQRSKKGKLPIVNEDDELVAIIARTDLKKNRDYPLASKDA
KKQLLCGAAIGTHEDDKYRLDLLAQAGVDVVVLDSSQGNSIFQINMIKYIKDKYPNLQVIGGNVVTAAQAKNLIDAGVDA
LRVGMGSGSICITQEVLACGRPQATAVYKVSEYARRFGVPVIADGGIQNVGHIAKALALGASTVMMGSLLAATTEAPGEY
FFSDGIRLKKYRGMGSLDAMDKHLSSQNRYFSEADKIKVAQGVSGAVQDKGSIHKFVPYLIAGIQHSCQDIGAKSLTQVR
AMMYSGELKFEKRTSSAQVEGGVHSLHSYEKRLF
;
_entity_poly.pdbx_strand_id   A,B
#
# COMPACT_ATOMS: atom_id res chain seq x y z
N THR A 10 -8.68 -14.51 0.68
CA THR A 10 -7.63 -13.50 1.04
C THR A 10 -8.24 -12.26 1.76
N SER A 11 -9.07 -11.51 1.02
CA SER A 11 -9.73 -10.33 1.58
C SER A 11 -8.70 -9.23 1.89
N TYR A 12 -7.70 -9.09 1.01
CA TYR A 12 -6.66 -8.09 1.23
C TYR A 12 -6.76 -6.84 0.36
N VAL A 13 -6.64 -7.00 -0.93
CA VAL A 13 -6.68 -5.84 -1.82
C VAL A 13 -5.48 -4.95 -1.49
N PRO A 14 -4.51 -4.89 -2.42
CA PRO A 14 -3.29 -4.10 -2.28
C PRO A 14 -3.48 -2.62 -2.11
N ASP A 15 -2.37 -1.89 -2.20
CA ASP A 15 -2.40 -0.44 -2.06
C ASP A 15 -2.12 0.31 -3.36
N ASP A 16 -3.00 0.10 -4.34
CA ASP A 16 -2.89 0.78 -5.61
C ASP A 16 -3.12 2.27 -5.39
N GLY A 17 -2.45 3.09 -6.20
CA GLY A 17 -2.61 4.53 -6.07
C GLY A 17 -1.31 5.27 -5.80
N LEU A 18 -1.19 6.44 -6.40
CA LEU A 18 -0.02 7.29 -6.28
C LEU A 18 -0.24 8.25 -5.13
N THR A 19 0.84 8.69 -4.51
CA THR A 19 0.74 9.66 -3.42
C THR A 19 1.18 11.02 -3.93
N ALA A 20 0.69 12.08 -3.30
CA ALA A 20 1.05 13.42 -3.74
C ALA A 20 2.54 13.58 -4.02
N GLN A 21 3.33 13.23 -3.02
CA GLN A 21 4.79 13.29 -3.07
C GLN A 21 5.33 12.87 -4.44
N GLN A 22 5.32 11.57 -4.72
CA GLN A 22 5.81 11.05 -6.00
C GLN A 22 5.18 11.72 -7.25
N LEU A 23 4.10 12.45 -7.06
CA LEU A 23 3.40 13.06 -8.19
C LEU A 23 3.70 14.53 -8.46
N PHE A 24 4.06 15.28 -7.42
CA PHE A 24 4.32 16.71 -7.59
C PHE A 24 5.66 17.14 -7.04
N ASN A 25 6.55 16.19 -6.71
CA ASN A 25 7.82 16.57 -6.13
C ASN A 25 9.04 16.08 -6.90
N CYS A 26 8.91 15.99 -8.22
CA CYS A 26 10.01 15.53 -9.07
C CYS A 26 10.55 16.61 -10.01
N GLY A 27 9.75 16.96 -11.03
CA GLY A 27 10.21 18.00 -11.94
C GLY A 27 9.47 17.99 -13.25
N ASP A 28 8.35 17.28 -13.26
CA ASP A 28 7.54 17.18 -14.46
C ASP A 28 6.66 18.39 -14.62
N GLY A 29 6.29 19.00 -13.50
CA GLY A 29 5.45 20.17 -13.58
C GLY A 29 4.11 19.95 -14.22
N LEU A 30 3.18 19.38 -13.46
CA LEU A 30 1.84 19.13 -13.96
C LEU A 30 0.80 20.04 -13.33
N THR A 31 -0.29 20.26 -14.06
CA THR A 31 -1.39 21.12 -13.64
C THR A 31 -2.60 20.30 -13.26
N TYR A 32 -3.68 20.98 -12.93
CA TYR A 32 -4.89 20.28 -12.51
C TYR A 32 -5.41 19.24 -13.49
N ASN A 33 -5.41 19.56 -14.77
CA ASN A 33 -5.91 18.64 -15.78
C ASN A 33 -5.03 17.42 -16.01
N ASP A 34 -3.91 17.33 -15.29
CA ASP A 34 -2.98 16.21 -15.47
C ASP A 34 -3.18 15.06 -14.50
N PHE A 35 -4.10 15.20 -13.57
CA PHE A 35 -4.31 14.12 -12.60
C PHE A 35 -5.73 14.04 -12.07
N LEU A 36 -6.01 13.00 -11.32
CA LEU A 36 -7.31 12.80 -10.70
C LEU A 36 -7.17 12.40 -9.25
N ILE A 37 -8.29 12.13 -8.60
CA ILE A 37 -8.29 11.70 -7.21
C ILE A 37 -9.18 10.48 -7.07
N LEU A 38 -8.56 9.30 -6.89
CA LEU A 38 -9.32 8.06 -6.74
C LEU A 38 -10.34 8.13 -5.62
N PRO A 39 -11.57 7.70 -5.90
CA PRO A 39 -12.64 7.73 -4.91
C PRO A 39 -12.35 6.83 -3.72
N GLY A 40 -13.10 7.04 -2.65
CA GLY A 40 -12.93 6.24 -1.45
C GLY A 40 -14.23 5.63 -0.96
N TYR A 41 -14.51 5.77 0.32
CA TYR A 41 -15.74 5.25 0.91
C TYR A 41 -16.67 6.38 1.34
N ILE A 42 -17.91 6.28 0.92
CA ILE A 42 -18.92 7.26 1.25
C ILE A 42 -19.87 6.73 2.30
N ASP A 43 -19.99 7.47 3.41
CA ASP A 43 -20.87 7.09 4.50
C ASP A 43 -21.41 8.34 5.17
N PHE A 44 -21.84 9.29 4.36
CA PHE A 44 -22.40 10.54 4.82
C PHE A 44 -22.83 11.29 3.59
N THR A 45 -23.78 12.19 3.72
CA THR A 45 -24.25 12.93 2.56
C THR A 45 -23.43 14.17 2.29
N ALA A 46 -23.33 14.54 1.02
CA ALA A 46 -22.55 15.68 0.59
C ALA A 46 -22.76 16.94 1.42
N ASP A 47 -24.01 17.31 1.70
CA ASP A 47 -24.28 18.53 2.47
C ASP A 47 -23.76 18.48 3.89
N GLN A 48 -23.25 17.33 4.31
CA GLN A 48 -22.72 17.21 5.67
C GLN A 48 -21.27 17.61 5.67
N VAL A 49 -20.74 17.89 4.48
CA VAL A 49 -19.33 18.28 4.35
C VAL A 49 -19.12 19.73 4.76
N ASP A 50 -18.20 19.92 5.69
CA ASP A 50 -17.88 21.24 6.21
C ASP A 50 -16.74 21.86 5.44
N LEU A 51 -16.97 23.00 4.80
CA LEU A 51 -15.93 23.64 4.00
C LEU A 51 -15.11 24.71 4.70
N THR A 52 -15.37 24.87 6.00
CA THR A 52 -14.65 25.87 6.78
C THR A 52 -13.17 25.76 6.50
N SER A 53 -12.56 26.91 6.22
CA SER A 53 -11.14 26.98 5.90
C SER A 53 -10.56 28.34 6.31
N ALA A 54 -9.25 28.39 6.54
CA ALA A 54 -8.60 29.61 6.94
C ALA A 54 -8.07 30.43 5.78
N LEU A 55 -8.23 31.74 5.86
CA LEU A 55 -7.75 32.65 4.83
C LEU A 55 -6.43 33.22 5.29
N THR A 56 -6.27 33.35 6.61
CA THR A 56 -5.03 33.84 7.19
C THR A 56 -4.87 33.22 8.57
N LYS A 57 -3.76 33.50 9.23
CA LYS A 57 -3.48 32.96 10.55
C LYS A 57 -4.57 33.34 11.55
N LYS A 58 -5.21 34.48 11.35
CA LYS A 58 -6.25 34.93 12.27
C LYS A 58 -7.67 34.80 11.72
N ILE A 59 -7.86 34.88 10.41
CA ILE A 59 -9.20 34.85 9.84
C ILE A 59 -9.67 33.50 9.30
N THR A 60 -10.97 33.27 9.38
CA THR A 60 -11.55 32.04 8.90
C THR A 60 -12.85 32.26 8.18
N LEU A 61 -13.01 31.68 6.99
CA LEU A 61 -14.24 31.82 6.21
C LEU A 61 -15.08 30.54 6.22
N LYS A 62 -16.38 30.67 5.96
CA LYS A 62 -17.25 29.50 5.92
C LYS A 62 -16.99 28.72 4.63
N THR A 63 -16.54 29.44 3.60
CA THR A 63 -16.23 28.81 2.33
C THR A 63 -14.88 29.26 1.85
N PRO A 64 -14.11 28.36 1.23
CA PRO A 64 -12.77 28.65 0.71
C PRO A 64 -12.69 29.52 -0.55
N LEU A 65 -13.81 30.08 -0.98
CA LEU A 65 -13.81 30.90 -2.18
C LEU A 65 -13.40 32.32 -1.89
N VAL A 66 -12.69 32.94 -2.83
CA VAL A 66 -12.19 34.30 -2.68
C VAL A 66 -12.06 34.99 -4.03
N SER A 67 -12.72 36.12 -4.21
CA SER A 67 -12.67 36.87 -5.46
C SER A 67 -11.34 37.60 -5.64
N SER A 68 -10.87 37.67 -6.88
CA SER A 68 -9.59 38.31 -7.16
C SER A 68 -9.61 39.84 -7.22
N PRO A 69 -8.49 40.48 -6.86
CA PRO A 69 -8.33 41.93 -6.85
C PRO A 69 -8.11 42.47 -8.26
N MET A 70 -9.07 42.28 -9.16
CA MET A 70 -8.94 42.78 -10.52
C MET A 70 -10.09 43.71 -10.83
N ASP A 71 -9.79 44.77 -11.57
CA ASP A 71 -10.78 45.79 -11.90
C ASP A 71 -11.97 45.31 -12.70
N THR A 72 -12.11 44.00 -12.88
CA THR A 72 -13.21 43.43 -13.63
C THR A 72 -13.87 42.32 -12.83
N VAL A 73 -13.40 42.12 -11.60
CA VAL A 73 -13.92 41.07 -10.76
C VAL A 73 -14.45 41.52 -9.41
N THR A 74 -13.58 42.10 -8.58
CA THR A 74 -13.99 42.51 -7.26
C THR A 74 -14.10 43.99 -7.05
N GLU A 75 -15.26 44.42 -6.55
CA GLU A 75 -15.54 45.82 -6.28
C GLU A 75 -16.76 45.82 -5.41
N ALA A 76 -16.74 46.57 -4.30
CA ALA A 76 -17.88 46.66 -3.39
C ALA A 76 -18.94 45.59 -3.56
N GLY A 77 -19.75 45.73 -4.61
CA GLY A 77 -20.80 44.76 -4.89
C GLY A 77 -20.33 43.32 -4.79
N MET A 78 -19.17 43.04 -5.37
CA MET A 78 -18.61 41.69 -5.34
C MET A 78 -18.09 41.33 -3.96
N ALA A 79 -17.38 42.26 -3.33
CA ALA A 79 -16.85 41.99 -1.99
C ALA A 79 -17.96 41.80 -0.97
N ILE A 80 -19.15 42.29 -1.30
CA ILE A 80 -20.31 42.16 -0.43
C ILE A 80 -20.98 40.81 -0.68
N ALA A 81 -21.33 40.55 -1.92
CA ALA A 81 -21.99 39.30 -2.27
C ALA A 81 -21.10 38.15 -1.81
N MET A 82 -19.84 38.24 -2.17
CA MET A 82 -18.89 37.20 -1.82
C MET A 82 -18.94 36.96 -0.32
N ALA A 83 -18.84 38.03 0.46
CA ALA A 83 -18.88 37.91 1.91
C ALA A 83 -20.18 37.30 2.41
N LEU A 84 -21.28 37.70 1.78
CA LEU A 84 -22.60 37.20 2.17
C LEU A 84 -22.77 35.72 1.85
N THR A 85 -22.20 35.29 0.73
CA THR A 85 -22.31 33.88 0.33
C THR A 85 -21.34 32.98 1.10
N GLY A 86 -20.50 33.60 1.92
CA GLY A 86 -19.56 32.83 2.72
C GLY A 86 -18.08 33.00 2.45
N GLY A 87 -17.74 33.78 1.42
CA GLY A 87 -16.34 33.99 1.08
C GLY A 87 -15.86 35.39 1.37
N ILE A 88 -14.89 35.86 0.61
CA ILE A 88 -14.38 37.19 0.85
C ILE A 88 -13.92 37.78 -0.48
N GLY A 89 -13.69 39.09 -0.53
CA GLY A 89 -13.25 39.71 -1.77
C GLY A 89 -12.14 40.73 -1.56
N PHE A 90 -11.43 41.05 -2.63
CA PHE A 90 -10.34 42.03 -2.56
C PHE A 90 -10.53 43.11 -3.61
N ILE A 91 -10.72 44.35 -3.16
CA ILE A 91 -10.92 45.48 -4.07
C ILE A 91 -9.61 45.75 -4.81
N HIS A 92 -9.68 45.86 -6.13
CA HIS A 92 -8.49 46.12 -6.92
C HIS A 92 -7.95 47.48 -6.62
N HIS A 93 -6.70 47.75 -7.00
CA HIS A 93 -6.08 49.04 -6.74
C HIS A 93 -5.78 49.88 -7.96
N ASN A 94 -6.65 49.78 -8.97
CA ASN A 94 -6.49 50.57 -10.20
C ASN A 94 -7.42 51.78 -10.14
N CYS A 95 -7.11 52.70 -9.23
CA CYS A 95 -7.88 53.92 -9.00
C CYS A 95 -7.26 54.57 -7.77
N THR A 96 -7.25 55.90 -7.74
CA THR A 96 -6.68 56.64 -6.61
C THR A 96 -7.06 56.01 -5.29
N PRO A 97 -6.12 55.98 -4.35
CA PRO A 97 -6.37 55.38 -3.04
C PRO A 97 -7.71 55.75 -2.43
N GLU A 98 -8.09 57.01 -2.59
CA GLU A 98 -9.35 57.50 -2.05
C GLU A 98 -10.52 56.65 -2.47
N PHE A 99 -10.67 56.48 -3.78
CA PHE A 99 -11.76 55.68 -4.33
C PHE A 99 -11.69 54.22 -3.90
N GLN A 100 -10.49 53.63 -3.95
CA GLN A 100 -10.36 52.24 -3.53
C GLN A 100 -10.72 52.16 -2.06
N ALA A 101 -10.24 53.10 -1.27
CA ALA A 101 -10.53 53.13 0.16
C ALA A 101 -12.05 53.27 0.37
N ASN A 102 -12.69 54.03 -0.51
CA ASN A 102 -14.12 54.23 -0.40
C ASN A 102 -14.83 52.91 -0.55
N GLU A 103 -14.47 52.15 -1.59
CA GLU A 103 -15.09 50.84 -1.85
C GLU A 103 -14.99 49.95 -0.63
N VAL A 104 -13.99 50.21 0.20
CA VAL A 104 -13.82 49.40 1.39
C VAL A 104 -14.85 49.80 2.43
N ARG A 105 -14.80 51.06 2.88
CA ARG A 105 -15.76 51.53 3.90
C ARG A 105 -17.18 51.21 3.42
N LYS A 106 -17.41 51.44 2.14
CA LYS A 106 -18.70 51.15 1.56
C LYS A 106 -19.07 49.73 1.93
N VAL A 107 -18.13 48.81 1.79
CA VAL A 107 -18.39 47.41 2.13
C VAL A 107 -18.47 47.22 3.64
N LYS A 108 -17.38 47.60 4.29
CA LYS A 108 -17.23 47.46 5.72
C LYS A 108 -18.42 47.95 6.54
N LYS A 109 -19.21 48.86 5.99
CA LYS A 109 -20.36 49.33 6.75
C LYS A 109 -21.66 49.16 5.99
N TYR A 110 -21.81 47.98 5.37
CA TYR A 110 -23.00 47.62 4.62
C TYR A 110 -23.96 46.90 5.58
N GLU A 111 -25.24 47.24 5.55
CA GLU A 111 -26.21 46.61 6.43
C GLU A 111 -27.52 46.25 5.73
N GLN A 112 -27.94 45.02 5.94
CA GLN A 112 -29.15 44.50 5.34
C GLN A 112 -30.27 45.55 5.29
N GLY A 113 -30.96 45.65 4.15
CA GLY A 113 -32.04 46.60 4.01
C GLY A 113 -31.62 48.04 3.78
N PHE A 114 -30.67 48.52 4.59
CA PHE A 114 -30.19 49.90 4.45
C PHE A 114 -29.64 50.13 3.04
N ILE A 115 -29.98 51.29 2.49
CA ILE A 115 -29.55 51.62 1.13
C ILE A 115 -28.06 51.43 0.98
N THR A 116 -27.68 50.82 -0.14
CA THR A 116 -26.28 50.58 -0.47
C THR A 116 -25.43 51.84 -0.17
N ASP A 117 -25.31 52.70 -1.17
CA ASP A 117 -24.56 53.95 -1.07
C ASP A 117 -25.34 54.99 -1.87
N PRO A 118 -26.33 55.61 -1.19
CA PRO A 118 -27.21 56.63 -1.78
C PRO A 118 -26.52 57.68 -2.69
N VAL A 119 -26.91 57.64 -3.97
CA VAL A 119 -26.42 58.59 -4.96
C VAL A 119 -26.87 59.92 -4.38
N VAL A 120 -26.13 60.98 -4.68
CA VAL A 120 -26.51 62.27 -4.13
C VAL A 120 -25.98 63.46 -4.95
N LEU A 121 -26.62 64.62 -4.71
CA LEU A 121 -26.28 65.87 -5.37
C LEU A 121 -26.18 67.00 -4.33
N SER A 122 -25.57 68.10 -4.75
CA SER A 122 -25.38 69.26 -3.87
C SER A 122 -26.41 70.33 -4.20
N PRO A 123 -26.68 71.24 -3.26
CA PRO A 123 -27.66 72.31 -3.49
C PRO A 123 -27.25 73.06 -4.75
N LYS A 124 -25.95 73.02 -5.04
CA LYS A 124 -25.36 73.70 -6.20
C LYS A 124 -25.92 73.16 -7.51
N GLY A 156 -32.95 68.40 2.03
CA GLY A 156 -34.26 67.78 1.79
C GLY A 156 -34.32 66.84 0.58
N ILE A 157 -35.25 65.88 0.64
CA ILE A 157 -35.41 64.92 -0.46
C ILE A 157 -35.69 65.63 -1.79
N ILE A 158 -35.69 64.88 -2.88
CA ILE A 158 -35.92 65.46 -4.23
C ILE A 158 -36.59 64.40 -5.12
N SER A 159 -37.89 64.18 -4.92
CA SER A 159 -38.63 63.20 -5.71
C SER A 159 -38.96 63.67 -7.13
N SER A 160 -38.64 62.82 -8.11
CA SER A 160 -38.84 63.08 -9.54
C SER A 160 -39.90 64.13 -9.87
N ARG A 161 -41.02 64.09 -9.13
CA ARG A 161 -42.13 65.02 -9.34
C ARG A 161 -41.64 66.32 -9.95
N ASP A 162 -40.91 67.07 -9.14
CA ASP A 162 -40.33 68.36 -9.53
C ASP A 162 -39.56 68.34 -10.84
N ILE A 163 -38.42 67.64 -10.84
CA ILE A 163 -37.57 67.53 -12.03
C ILE A 163 -38.38 67.65 -13.34
N ASP A 164 -39.53 67.01 -13.37
CA ASP A 164 -40.38 67.05 -14.56
C ASP A 164 -40.88 68.43 -14.99
N PHE A 165 -41.98 68.87 -14.37
CA PHE A 165 -42.62 70.14 -14.72
C PHE A 165 -42.05 71.45 -14.18
N LEU A 166 -42.74 72.54 -14.53
CA LEU A 166 -42.38 73.91 -14.12
C LEU A 166 -40.92 74.27 -14.39
N GLU A 170 -37.94 75.50 -17.58
CA GLU A 170 -36.50 75.81 -17.67
C GLU A 170 -35.79 75.39 -16.40
N HIS A 171 -34.57 74.85 -16.53
CA HIS A 171 -33.80 74.43 -15.36
C HIS A 171 -33.46 75.62 -14.47
N ASP A 172 -34.40 76.01 -13.59
CA ASP A 172 -34.25 77.14 -12.67
C ASP A 172 -32.90 77.13 -11.94
N CYS A 173 -32.53 78.30 -11.40
CA CYS A 173 -31.25 78.46 -10.70
C CYS A 173 -31.00 77.37 -9.66
N PHE A 174 -30.13 76.44 -10.03
CA PHE A 174 -29.72 75.29 -9.23
C PHE A 174 -30.83 74.44 -8.61
N LEU A 175 -30.40 73.30 -8.06
CA LEU A 175 -31.27 72.32 -7.41
C LEU A 175 -32.00 72.79 -6.14
N GLU A 176 -31.27 73.31 -5.17
CA GLU A 176 -31.86 73.75 -3.91
C GLU A 176 -33.07 74.65 -4.18
N GLU A 177 -33.01 75.39 -5.28
CA GLU A 177 -34.11 76.28 -5.65
C GLU A 177 -35.27 75.50 -6.28
N ILE A 178 -35.00 74.82 -7.42
CA ILE A 178 -36.01 74.00 -8.10
C ILE A 178 -36.48 72.88 -7.19
N MET A 179 -36.08 72.95 -5.92
CA MET A 179 -36.44 71.92 -4.95
C MET A 179 -36.27 72.36 -3.51
N THR A 180 -37.29 73.04 -2.99
CA THR A 180 -37.25 73.47 -1.60
C THR A 180 -38.09 72.48 -0.76
N LYS A 181 -37.50 71.31 -0.51
CA LYS A 181 -38.20 70.31 0.26
C LYS A 181 -38.14 70.68 1.73
N ARG A 182 -39.24 71.30 2.17
CA ARG A 182 -39.44 71.74 3.56
C ARG A 182 -38.89 70.77 4.63
N GLU A 183 -38.38 71.38 5.71
CA GLU A 183 -37.84 70.64 6.85
C GLU A 183 -38.96 69.70 7.32
N ASP A 184 -40.19 70.22 7.29
CA ASP A 184 -41.37 69.47 7.68
C ASP A 184 -41.55 68.38 6.64
N LEU A 185 -40.91 67.24 6.87
CA LEU A 185 -41.01 66.11 5.95
C LEU A 185 -40.78 64.76 6.64
N VAL A 186 -41.31 63.72 6.01
CA VAL A 186 -41.22 62.35 6.51
C VAL A 186 -39.77 61.85 6.64
N VAL A 187 -39.29 61.84 7.89
CA VAL A 187 -37.93 61.34 8.21
C VAL A 187 -38.07 60.48 9.46
N ALA A 188 -37.00 59.79 9.86
CA ALA A 188 -37.06 58.94 11.05
C ALA A 188 -35.89 59.08 12.02
N PRO A 189 -36.16 58.87 13.32
CA PRO A 189 -35.19 58.94 14.42
C PRO A 189 -34.27 57.72 14.48
N ALA A 190 -33.14 57.87 15.19
CA ALA A 190 -32.13 56.81 15.39
C ALA A 190 -32.72 55.47 15.86
N GLY A 191 -33.96 55.48 16.36
CA GLY A 191 -34.57 54.22 16.77
C GLY A 191 -34.92 53.41 15.53
N ILE A 192 -34.55 53.95 14.36
CA ILE A 192 -34.81 53.33 13.08
C ILE A 192 -34.51 51.84 13.08
N THR A 193 -35.43 51.09 12.49
CA THR A 193 -35.33 49.64 12.38
C THR A 193 -36.11 49.20 11.14
N LEU A 194 -35.71 48.04 10.58
CA LEU A 194 -36.35 47.52 9.38
C LEU A 194 -37.84 47.34 9.62
N LYS A 195 -38.21 47.17 10.89
CA LYS A 195 -39.61 46.97 11.27
C LYS A 195 -40.46 48.20 10.95
N GLU A 196 -40.28 49.24 11.76
CA GLU A 196 -41.03 50.50 11.57
C GLU A 196 -40.74 51.16 10.21
N ALA A 197 -39.51 50.97 9.73
CA ALA A 197 -39.07 51.53 8.44
C ALA A 197 -40.14 51.26 7.34
N ASN A 198 -39.98 50.14 6.62
CA ASN A 198 -40.91 49.77 5.56
C ASN A 198 -42.35 50.21 5.86
N GLU A 199 -42.85 49.78 7.02
CA GLU A 199 -44.22 50.13 7.40
C GLU A 199 -44.46 51.63 7.28
N ILE A 200 -43.72 52.40 8.07
CA ILE A 200 -43.85 53.87 8.04
C ILE A 200 -43.79 54.43 6.61
N LEU A 201 -43.01 53.76 5.77
CA LEU A 201 -42.85 54.17 4.37
C LEU A 201 -44.20 54.18 3.65
N GLN A 202 -45.13 53.35 4.13
CA GLN A 202 -46.46 53.27 3.54
C GLN A 202 -47.19 54.62 3.66
N ARG A 203 -47.18 55.17 4.87
CA ARG A 203 -47.80 56.47 5.12
C ARG A 203 -47.33 57.49 4.07
N SER A 204 -46.02 57.54 3.87
CA SER A 204 -45.45 58.49 2.91
C SER A 204 -45.47 57.86 1.50
N LYS A 205 -46.00 56.62 1.43
CA LYS A 205 -46.08 55.88 0.18
C LYS A 205 -44.77 56.00 -0.62
N LYS A 206 -43.66 56.19 0.10
CA LYS A 206 -42.35 56.30 -0.56
C LYS A 206 -41.63 54.96 -0.41
N GLY A 207 -40.39 54.90 -0.88
CA GLY A 207 -39.67 53.64 -0.79
C GLY A 207 -38.26 53.78 -0.25
N LYS A 208 -37.99 54.92 0.38
CA LYS A 208 -36.66 55.18 0.95
C LYS A 208 -36.65 56.34 1.94
N LEU A 209 -37.38 56.19 3.05
CA LEU A 209 -37.40 57.24 4.06
C LEU A 209 -35.99 57.46 4.64
N PRO A 210 -35.61 58.74 4.85
CA PRO A 210 -34.29 59.08 5.40
C PRO A 210 -34.24 58.96 6.93
N ILE A 211 -33.05 58.64 7.44
CA ILE A 211 -32.84 58.51 8.89
C ILE A 211 -31.61 59.33 9.27
N VAL A 212 -31.67 59.96 10.44
CA VAL A 212 -30.57 60.78 10.95
C VAL A 212 -30.39 60.61 12.45
N ASN A 213 -29.16 60.82 12.91
CA ASN A 213 -28.83 60.70 14.33
C ASN A 213 -29.48 61.82 15.12
N GLU A 214 -28.83 62.98 15.09
CA GLU A 214 -29.34 64.15 15.81
C GLU A 214 -28.96 65.43 15.09
N ASP A 215 -27.75 65.44 14.54
CA ASP A 215 -27.27 66.60 13.82
C ASP A 215 -27.60 66.53 12.32
N ASP A 216 -28.88 66.44 12.01
CA ASP A 216 -29.38 66.39 10.63
C ASP A 216 -28.35 66.06 9.56
N GLU A 217 -27.58 65.01 9.82
CA GLU A 217 -26.59 64.57 8.86
C GLU A 217 -26.82 63.08 8.61
N LEU A 218 -27.64 62.81 7.59
CA LEU A 218 -28.01 61.47 7.16
C LEU A 218 -26.98 60.36 7.49
N VAL A 219 -27.34 59.50 8.45
CA VAL A 219 -26.50 58.38 8.83
C VAL A 219 -26.80 57.26 7.88
N ALA A 220 -28.05 57.22 7.42
CA ALA A 220 -28.49 56.20 6.47
C ALA A 220 -29.95 56.43 6.01
N ILE A 221 -30.35 55.67 5.00
CA ILE A 221 -31.69 55.77 4.45
C ILE A 221 -32.17 54.35 4.26
N ILE A 222 -33.30 54.01 4.87
CA ILE A 222 -33.87 52.67 4.73
C ILE A 222 -34.58 52.57 3.39
N ALA A 223 -34.59 51.39 2.80
CA ALA A 223 -35.21 51.26 1.50
C ALA A 223 -36.01 49.96 1.32
N ARG A 224 -37.12 50.07 0.60
CA ARG A 224 -37.99 48.93 0.34
C ARG A 224 -37.31 47.98 -0.65
N THR A 225 -36.84 48.54 -1.76
CA THR A 225 -36.16 47.77 -2.81
C THR A 225 -34.82 47.22 -2.28
N LEU A 227 -35.35 41.24 -1.14
CA LEU A 227 -35.90 42.53 -1.55
C LEU A 227 -37.31 42.83 -0.97
N LYS A 228 -38.23 41.86 -1.17
CA LYS A 228 -39.62 41.96 -0.69
C LYS A 228 -39.77 40.90 0.39
N LYS A 229 -38.63 40.30 0.72
CA LYS A 229 -38.55 39.25 1.74
C LYS A 229 -37.09 38.78 1.79
N ASN A 230 -36.22 39.71 2.23
CA ASN A 230 -34.79 39.46 2.34
C ASN A 230 -34.53 38.04 2.87
N ARG A 231 -33.54 37.37 2.30
CA ARG A 231 -33.20 36.02 2.70
C ARG A 231 -32.37 36.05 4.00
N ASP A 232 -31.75 34.92 4.28
CA ASP A 232 -30.90 34.76 5.44
C ASP A 232 -29.52 34.27 4.97
N TYR A 233 -28.46 34.91 5.45
CA TYR A 233 -27.10 34.52 5.09
C TYR A 233 -26.39 34.00 6.33
N PRO A 234 -26.60 32.71 6.64
CA PRO A 234 -26.03 32.02 7.78
C PRO A 234 -24.50 31.85 7.77
N LEU A 235 -23.91 31.93 6.57
CA LEU A 235 -22.47 31.76 6.43
C LEU A 235 -21.71 33.06 6.29
N ALA A 236 -22.44 34.16 6.20
CA ALA A 236 -21.83 35.47 6.05
C ALA A 236 -20.53 35.60 6.79
N SER A 237 -19.54 36.17 6.12
CA SER A 237 -18.22 36.35 6.70
C SER A 237 -18.12 37.74 7.29
N LYS A 238 -18.09 37.83 8.61
CA LYS A 238 -18.03 39.14 9.27
C LYS A 238 -16.92 39.22 10.31
N ASP A 239 -16.63 40.43 10.76
CA ASP A 239 -15.59 40.63 11.76
C ASP A 239 -16.23 40.72 13.14
N ALA A 240 -15.44 41.18 14.11
CA ALA A 240 -15.92 41.31 15.47
C ALA A 240 -17.11 42.27 15.55
N LYS A 241 -17.00 43.41 14.88
CA LYS A 241 -18.07 44.39 14.92
C LYS A 241 -19.27 43.96 14.07
N LYS A 242 -19.38 42.66 13.81
CA LYS A 242 -20.47 42.11 12.99
C LYS A 242 -20.57 42.68 11.59
N GLN A 243 -19.51 43.33 11.10
CA GLN A 243 -19.53 43.89 9.76
C GLN A 243 -18.90 42.88 8.81
N LEU A 244 -19.36 42.85 7.55
CA LEU A 244 -18.82 41.93 6.55
C LEU A 244 -17.30 42.11 6.43
N LEU A 245 -16.58 41.03 6.15
CA LEU A 245 -15.13 41.10 6.01
C LEU A 245 -14.82 41.77 4.68
N CYS A 246 -13.66 42.39 4.58
CA CYS A 246 -13.30 43.04 3.33
C CYS A 246 -11.79 43.11 3.15
N GLY A 247 -11.34 42.65 1.99
CA GLY A 247 -9.91 42.67 1.72
C GLY A 247 -9.61 43.73 0.69
N ALA A 248 -8.32 44.00 0.50
CA ALA A 248 -7.88 45.02 -0.44
C ALA A 248 -6.42 44.83 -0.86
N ALA A 249 -6.15 45.03 -2.13
CA ALA A 249 -4.80 44.86 -2.65
C ALA A 249 -4.10 46.19 -2.84
N ILE A 250 -2.79 46.19 -2.61
CA ILE A 250 -1.94 47.38 -2.77
C ILE A 250 -0.61 46.96 -3.33
N GLY A 251 0.09 47.91 -3.93
CA GLY A 251 1.40 47.63 -4.50
C GLY A 251 2.46 47.65 -3.42
N THR A 252 3.72 47.50 -3.81
CA THR A 252 4.80 47.50 -2.83
C THR A 252 5.69 48.68 -3.09
N HIS A 253 5.26 49.51 -4.03
CA HIS A 253 6.03 50.70 -4.36
C HIS A 253 5.83 51.76 -3.26
N GLU A 254 6.81 52.66 -3.11
CA GLU A 254 6.73 53.69 -2.07
C GLU A 254 5.37 54.37 -1.94
N ASP A 255 4.89 54.95 -3.04
CA ASP A 255 3.60 55.65 -3.02
C ASP A 255 2.40 54.80 -2.64
N ASP A 256 2.65 53.61 -2.12
CA ASP A 256 1.56 52.72 -1.74
C ASP A 256 1.34 52.78 -0.23
N LYS A 257 2.30 53.33 0.50
CA LYS A 257 2.15 53.42 1.94
C LYS A 257 0.99 54.35 2.34
N TYR A 258 0.78 55.41 1.56
CA TYR A 258 -0.31 56.35 1.83
C TYR A 258 -1.63 55.64 1.51
N ARG A 259 -1.66 55.00 0.34
CA ARG A 259 -2.83 54.26 -0.10
C ARG A 259 -3.27 53.27 0.99
N LEU A 260 -2.32 52.48 1.46
CA LEU A 260 -2.62 51.52 2.50
C LEU A 260 -3.33 52.22 3.64
N ASP A 261 -2.82 53.40 4.02
CA ASP A 261 -3.38 54.16 5.12
C ASP A 261 -4.85 54.47 5.00
N LEU A 262 -5.23 55.02 3.86
CA LEU A 262 -6.64 55.29 3.65
C LEU A 262 -7.46 54.01 3.84
N LEU A 263 -6.97 52.88 3.30
CA LEU A 263 -7.66 51.59 3.43
C LEU A 263 -7.77 51.19 4.88
N ALA A 264 -6.64 51.25 5.58
CA ALA A 264 -6.60 50.92 6.98
C ALA A 264 -7.68 51.68 7.77
N GLN A 265 -7.83 52.97 7.46
CA GLN A 265 -8.81 53.83 8.12
C GLN A 265 -10.18 53.25 7.89
N ALA A 266 -10.48 52.99 6.61
CA ALA A 266 -11.76 52.44 6.21
C ALA A 266 -12.15 51.08 6.83
N GLY A 267 -11.28 50.52 7.66
CA GLY A 267 -11.60 49.26 8.31
C GLY A 267 -11.35 48.00 7.51
N VAL A 268 -10.33 48.05 6.66
CA VAL A 268 -9.98 46.90 5.84
C VAL A 268 -9.52 45.80 6.81
N ASP A 269 -9.89 44.56 6.53
CA ASP A 269 -9.50 43.46 7.39
C ASP A 269 -8.18 42.82 6.99
N VAL A 270 -7.99 42.64 5.68
CA VAL A 270 -6.77 42.04 5.15
C VAL A 270 -6.37 42.70 3.85
N VAL A 271 -5.06 42.76 3.60
CA VAL A 271 -4.52 43.36 2.38
C VAL A 271 -3.59 42.36 1.70
N VAL A 272 -3.59 42.36 0.37
CA VAL A 272 -2.73 41.45 -0.36
C VAL A 272 -1.79 42.27 -1.24
N LEU A 273 -0.52 41.89 -1.24
CA LEU A 273 0.45 42.60 -2.05
C LEU A 273 0.37 42.08 -3.48
N ASP A 274 0.18 43.00 -4.42
CA ASP A 274 0.04 42.64 -5.83
C ASP A 274 1.33 42.61 -6.62
N SER A 275 1.85 41.41 -6.87
CA SER A 275 3.08 41.28 -7.62
C SER A 275 3.14 39.92 -8.30
N SER A 276 3.82 39.85 -9.43
CA SER A 276 3.95 38.60 -10.13
C SER A 276 5.03 37.79 -9.42
N GLN A 277 6.09 38.45 -9.02
CA GLN A 277 7.16 37.77 -8.32
C GLN A 277 7.30 38.54 -7.03
N GLY A 278 6.63 38.04 -6.00
CA GLY A 278 6.63 38.70 -4.72
C GLY A 278 7.79 38.50 -3.78
N ASN A 279 8.84 37.83 -4.23
CA ASN A 279 9.99 37.60 -3.37
C ASN A 279 11.07 38.62 -3.64
N SER A 280 10.78 39.88 -3.36
CA SER A 280 11.71 40.97 -3.58
C SER A 280 11.89 41.73 -2.29
N ILE A 281 13.04 42.38 -2.16
CA ILE A 281 13.31 43.16 -0.96
C ILE A 281 12.22 44.21 -0.75
N PHE A 282 11.64 44.67 -1.85
CA PHE A 282 10.58 45.67 -1.82
C PHE A 282 9.36 45.19 -1.03
N GLN A 283 8.88 43.99 -1.36
CA GLN A 283 7.73 43.44 -0.66
C GLN A 283 8.10 43.13 0.78
N ILE A 284 9.24 42.48 0.98
CA ILE A 284 9.70 42.16 2.33
C ILE A 284 9.68 43.39 3.23
N ASN A 285 10.16 44.52 2.74
CA ASN A 285 10.11 45.75 3.52
C ASN A 285 8.63 46.11 3.72
N MET A 286 7.92 46.28 2.61
CA MET A 286 6.50 46.58 2.66
C MET A 286 5.80 45.69 3.68
N ILE A 287 6.29 44.47 3.87
CA ILE A 287 5.67 43.58 4.83
C ILE A 287 5.94 44.10 6.22
N LYS A 288 7.24 44.24 6.53
CA LYS A 288 7.68 44.71 7.83
C LYS A 288 7.03 46.03 8.19
N TYR A 289 7.03 46.96 7.24
CA TYR A 289 6.42 48.28 7.45
C TYR A 289 4.99 48.16 7.95
N ILE A 290 4.19 47.34 7.28
CA ILE A 290 2.80 47.13 7.64
C ILE A 290 2.61 46.40 8.96
N LYS A 291 3.28 45.27 9.12
CA LYS A 291 3.14 44.49 10.33
C LYS A 291 3.41 45.39 11.51
N ASP A 292 4.49 46.15 11.43
CA ASP A 292 4.86 47.07 12.50
C ASP A 292 3.75 48.08 12.79
N LYS A 293 3.53 48.98 11.84
CA LYS A 293 2.50 50.00 11.95
C LYS A 293 1.16 49.43 12.40
N TYR A 294 0.60 48.52 11.62
CA TYR A 294 -0.69 47.93 11.96
C TYR A 294 -0.53 46.50 12.41
N PRO A 295 -0.31 46.26 13.72
CA PRO A 295 -0.14 44.89 14.24
C PRO A 295 -1.44 44.11 14.04
N ASN A 296 -2.54 44.76 14.37
CA ASN A 296 -3.86 44.18 14.28
C ASN A 296 -4.34 44.22 12.82
N LEU A 297 -3.57 43.59 11.92
CA LEU A 297 -3.94 43.59 10.50
C LEU A 297 -3.23 42.48 9.75
N GLN A 298 -4.00 41.73 8.97
CA GLN A 298 -3.48 40.62 8.20
C GLN A 298 -2.87 41.06 6.88
N VAL A 299 -1.74 40.46 6.53
CA VAL A 299 -1.05 40.76 5.27
C VAL A 299 -0.75 39.48 4.47
N ILE A 300 -1.24 39.42 3.24
CA ILE A 300 -1.00 38.24 2.42
C ILE A 300 0.19 38.51 1.51
N GLY A 301 1.11 37.56 1.49
CA GLY A 301 2.32 37.69 0.68
C GLY A 301 2.16 37.59 -0.83
N GLY A 302 2.88 38.48 -1.53
CA GLY A 302 2.88 38.56 -2.99
C GLY A 302 2.91 37.19 -3.63
N ASN A 303 2.54 37.09 -4.89
CA ASN A 303 2.49 35.79 -5.56
C ASN A 303 3.81 35.07 -5.66
N VAL A 304 3.88 33.87 -5.07
CA VAL A 304 5.11 33.05 -5.09
C VAL A 304 4.80 31.66 -5.63
N VAL A 305 5.84 30.89 -5.93
CA VAL A 305 5.64 29.55 -6.44
C VAL A 305 6.59 28.51 -5.87
N THR A 306 7.58 28.96 -5.11
CA THR A 306 8.56 28.06 -4.52
C THR A 306 8.63 28.17 -3.01
N ALA A 307 9.16 27.15 -2.37
CA ALA A 307 9.28 27.14 -0.93
C ALA A 307 10.30 28.17 -0.51
N ALA A 308 11.28 28.40 -1.37
CA ALA A 308 12.33 29.38 -1.08
C ALA A 308 11.75 30.78 -1.07
N GLN A 309 10.90 31.08 -2.04
CA GLN A 309 10.27 32.40 -2.11
C GLN A 309 9.45 32.62 -0.86
N ALA A 310 8.74 31.59 -0.43
CA ALA A 310 7.90 31.68 0.75
C ALA A 310 8.68 32.01 2.01
N LYS A 311 9.81 31.34 2.21
CA LYS A 311 10.62 31.55 3.41
C LYS A 311 10.83 33.02 3.75
N ASN A 312 11.14 33.83 2.75
CA ASN A 312 11.35 35.25 2.98
C ASN A 312 10.10 35.96 3.46
N LEU A 313 8.96 35.61 2.89
CA LEU A 313 7.70 36.24 3.25
C LEU A 313 7.22 35.77 4.63
N ILE A 314 7.35 34.48 4.91
CA ILE A 314 6.93 33.95 6.19
C ILE A 314 7.78 34.59 7.30
N ASP A 315 9.01 34.95 6.95
CA ASP A 315 9.92 35.60 7.89
C ASP A 315 9.62 37.10 7.97
N ALA A 316 9.32 37.71 6.84
CA ALA A 316 9.02 39.12 6.86
C ALA A 316 7.88 39.30 7.81
N GLY A 317 7.03 38.27 7.90
CA GLY A 317 5.88 38.30 8.79
C GLY A 317 4.52 38.31 8.11
N VAL A 318 4.34 37.49 7.08
CA VAL A 318 3.06 37.45 6.39
C VAL A 318 2.07 36.55 7.11
N ASP A 319 0.80 36.72 6.78
CA ASP A 319 -0.28 35.93 7.38
C ASP A 319 -0.83 34.88 6.42
N ALA A 320 -0.27 34.82 5.21
CA ALA A 320 -0.71 33.87 4.20
C ALA A 320 0.16 34.04 2.95
N LEU A 321 0.01 33.13 2.00
CA LEU A 321 0.77 33.21 0.78
C LEU A 321 -0.11 33.05 -0.46
N ARG A 322 0.04 33.95 -1.43
CA ARG A 322 -0.75 33.81 -2.64
C ARG A 322 0.11 33.10 -3.67
N VAL A 323 -0.14 31.81 -3.84
CA VAL A 323 0.64 31.01 -4.75
C VAL A 323 0.02 30.97 -6.13
N GLY A 324 0.85 31.23 -7.14
CA GLY A 324 0.38 31.22 -8.51
C GLY A 324 1.07 32.25 -9.38
N MET A 325 1.79 31.79 -10.40
CA MET A 325 2.50 32.68 -11.30
C MET A 325 2.30 32.26 -12.77
N GLY A 326 1.45 33.00 -13.48
CA GLY A 326 1.17 32.73 -14.89
C GLY A 326 0.15 31.63 -15.11
N SER A 327 -0.92 31.60 -14.33
CA SER A 327 -1.92 30.55 -14.49
C SER A 327 -3.25 31.19 -14.87
N GLY A 328 -3.38 32.47 -14.55
CA GLY A 328 -4.61 33.17 -14.87
C GLY A 328 -4.99 33.10 -16.34
N SER A 329 -6.29 33.06 -16.59
CA SER A 329 -6.79 33.00 -17.94
C SER A 329 -6.28 34.17 -18.78
N ILE A 330 -6.20 35.35 -18.17
CA ILE A 330 -5.74 36.55 -18.84
C ILE A 330 -4.26 36.86 -18.64
N CYS A 331 -3.60 36.11 -17.76
CA CYS A 331 -2.17 36.29 -17.53
C CYS A 331 -1.42 35.56 -18.63
N ILE A 332 -0.43 36.23 -19.22
CA ILE A 332 0.34 35.64 -20.29
C ILE A 332 1.84 35.80 -19.98
N THR A 333 2.15 35.83 -18.69
CA THR A 333 3.53 36.03 -18.25
C THR A 333 4.53 34.98 -18.74
N GLN A 334 4.20 33.71 -18.55
CA GLN A 334 5.10 32.65 -19.00
C GLN A 334 5.45 32.75 -20.48
N GLU A 335 4.52 33.25 -21.29
CA GLU A 335 4.78 33.35 -22.72
C GLU A 335 5.65 34.55 -23.09
N VAL A 336 5.62 35.59 -22.26
CA VAL A 336 6.42 36.78 -22.56
C VAL A 336 7.59 37.03 -21.61
N LEU A 337 7.88 36.07 -20.75
CA LEU A 337 9.00 36.20 -19.84
C LEU A 337 9.92 34.95 -19.88
N ALA A 338 9.78 34.07 -18.90
CA ALA A 338 10.62 32.86 -18.84
C ALA A 338 10.54 32.27 -17.45
N CYS A 339 9.88 32.98 -16.55
CA CYS A 339 9.73 32.52 -15.17
C CYS A 339 8.27 32.20 -14.85
N GLY A 340 8.07 31.21 -13.99
CA GLY A 340 6.73 30.80 -13.59
C GLY A 340 6.74 29.36 -13.14
N ARG A 341 5.57 28.74 -12.98
CA ARG A 341 5.53 27.35 -12.57
C ARG A 341 4.13 26.80 -12.69
N PRO A 342 4.00 25.51 -13.06
CA PRO A 342 2.70 24.85 -13.22
C PRO A 342 1.92 24.90 -11.90
N GLN A 343 0.75 25.52 -11.94
CA GLN A 343 -0.10 25.71 -10.76
C GLN A 343 -0.20 24.55 -9.75
N ALA A 344 -0.73 23.42 -10.19
CA ALA A 344 -0.88 22.25 -9.31
C ALA A 344 0.38 21.97 -8.50
N THR A 345 1.52 21.96 -9.16
CA THR A 345 2.77 21.69 -8.45
C THR A 345 3.13 22.82 -7.49
N ALA A 346 2.95 24.06 -7.94
CA ALA A 346 3.25 25.22 -7.14
C ALA A 346 2.43 25.22 -5.85
N VAL A 347 1.13 24.98 -5.99
CA VAL A 347 0.24 24.95 -4.83
C VAL A 347 0.69 23.88 -3.86
N TYR A 348 0.97 22.68 -4.37
CA TYR A 348 1.41 21.61 -3.50
C TYR A 348 2.74 21.92 -2.82
N LYS A 349 3.73 22.33 -3.60
CA LYS A 349 5.04 22.63 -3.06
C LYS A 349 5.06 23.73 -2.04
N VAL A 350 4.43 24.86 -2.33
CA VAL A 350 4.44 25.97 -1.39
C VAL A 350 3.62 25.73 -0.13
N SER A 351 2.56 24.91 -0.23
CA SER A 351 1.71 24.62 0.91
C SER A 351 2.34 23.66 1.89
N GLU A 352 3.04 22.66 1.37
CA GLU A 352 3.68 21.67 2.21
C GLU A 352 4.71 22.35 3.09
N TYR A 353 5.22 23.49 2.62
CA TYR A 353 6.20 24.22 3.38
C TYR A 353 5.49 25.22 4.29
N ALA A 354 4.62 26.04 3.70
CA ALA A 354 3.90 27.05 4.44
C ALA A 354 3.15 26.47 5.63
N ARG A 355 2.61 25.28 5.47
CA ARG A 355 1.86 24.63 6.54
C ARG A 355 2.72 24.42 7.76
N ARG A 356 4.00 24.13 7.54
CA ARG A 356 4.97 23.92 8.61
C ARG A 356 5.17 25.19 9.46
N PHE A 357 4.38 26.23 9.19
CA PHE A 357 4.46 27.50 9.91
C PHE A 357 3.07 28.05 10.19
N GLY A 358 2.04 27.31 9.78
CA GLY A 358 0.68 27.77 10.00
C GLY A 358 0.32 28.95 9.14
N VAL A 359 0.87 28.99 7.93
CA VAL A 359 0.62 30.07 7.00
C VAL A 359 -0.24 29.57 5.86
N PRO A 360 -1.53 29.94 5.83
CA PRO A 360 -2.46 29.51 4.78
C PRO A 360 -2.00 29.88 3.39
N VAL A 361 -2.38 29.06 2.41
CA VAL A 361 -2.01 29.31 1.02
C VAL A 361 -3.24 29.54 0.19
N ILE A 362 -3.20 30.56 -0.67
CA ILE A 362 -4.33 30.84 -1.53
C ILE A 362 -3.98 30.46 -2.95
N ALA A 363 -4.57 29.37 -3.42
CA ALA A 363 -4.32 28.92 -4.77
C ALA A 363 -4.96 29.89 -5.73
N ASP A 364 -4.16 30.80 -6.26
CA ASP A 364 -4.66 31.80 -7.17
C ASP A 364 -4.20 31.56 -8.60
N GLY A 365 -5.18 31.48 -9.51
CA GLY A 365 -4.88 31.25 -10.91
C GLY A 365 -4.96 29.79 -11.30
N GLY A 366 -5.56 29.53 -12.46
CA GLY A 366 -5.66 28.18 -12.96
C GLY A 366 -6.97 27.49 -12.72
N ILE A 367 -7.81 28.04 -11.86
CA ILE A 367 -9.11 27.43 -11.55
C ILE A 367 -10.05 27.74 -12.68
N GLN A 368 -10.23 26.78 -13.58
CA GLN A 368 -11.09 26.94 -14.75
C GLN A 368 -12.44 26.29 -14.60
N ASN A 369 -12.71 25.69 -13.44
CA ASN A 369 -13.96 24.98 -13.16
C ASN A 369 -14.04 24.46 -11.73
N VAL A 370 -15.25 24.18 -11.29
CA VAL A 370 -15.49 23.71 -9.94
C VAL A 370 -14.44 22.68 -9.54
N GLY A 371 -14.24 21.71 -10.43
CA GLY A 371 -13.30 20.63 -10.19
C GLY A 371 -11.92 21.04 -9.72
N HIS A 372 -11.35 22.03 -10.38
CA HIS A 372 -10.02 22.53 -10.07
C HIS A 372 -9.91 23.12 -8.67
N ILE A 373 -11.04 23.49 -8.07
CA ILE A 373 -11.04 24.04 -6.74
C ILE A 373 -10.73 22.93 -5.75
N ALA A 374 -11.47 21.84 -5.80
CA ALA A 374 -11.28 20.72 -4.90
C ALA A 374 -9.85 20.23 -5.03
N LYS A 375 -9.35 20.25 -6.25
CA LYS A 375 -7.99 19.81 -6.56
C LYS A 375 -6.99 20.66 -5.80
N ALA A 376 -7.10 21.97 -5.97
CA ALA A 376 -6.18 22.90 -5.32
C ALA A 376 -6.21 22.73 -3.83
N LEU A 377 -7.41 22.61 -3.28
CA LEU A 377 -7.57 22.45 -1.84
C LEU A 377 -7.00 21.14 -1.36
N ALA A 378 -7.19 20.08 -2.13
CA ALA A 378 -6.69 18.76 -1.73
C ALA A 378 -5.18 18.66 -1.73
N LEU A 379 -4.51 19.62 -2.36
CA LEU A 379 -3.06 19.61 -2.46
C LEU A 379 -2.35 20.42 -1.41
N GLY A 380 -3.12 20.98 -0.49
CA GLY A 380 -2.50 21.77 0.57
C GLY A 380 -3.01 23.19 0.67
N ALA A 381 -3.77 23.63 -0.33
CA ALA A 381 -4.32 24.97 -0.29
C ALA A 381 -5.47 25.11 0.74
N SER A 382 -5.51 26.23 1.43
CA SER A 382 -6.56 26.48 2.40
C SER A 382 -7.75 27.14 1.74
N THR A 383 -7.48 28.00 0.76
CA THR A 383 -8.53 28.70 0.05
C THR A 383 -8.09 28.87 -1.39
N VAL A 384 -9.03 29.23 -2.25
CA VAL A 384 -8.73 29.42 -3.65
C VAL A 384 -9.28 30.78 -4.15
N MET A 385 -8.52 31.46 -4.99
CA MET A 385 -8.92 32.76 -5.53
C MET A 385 -9.29 32.63 -7.00
N MET A 386 -10.35 33.33 -7.39
CA MET A 386 -10.84 33.26 -8.76
C MET A 386 -10.98 34.62 -9.44
N GLY A 387 -10.94 34.60 -10.76
CA GLY A 387 -11.08 35.81 -11.52
C GLY A 387 -12.06 35.58 -12.65
N SER A 388 -11.60 34.93 -13.70
CA SER A 388 -12.46 34.68 -14.83
C SER A 388 -13.70 33.90 -14.43
N LEU A 389 -13.54 32.89 -13.58
CA LEU A 389 -14.66 32.05 -13.16
C LEU A 389 -15.67 32.85 -12.36
N LEU A 390 -15.45 34.15 -12.27
CA LEU A 390 -16.34 35.02 -11.55
C LEU A 390 -16.38 36.35 -12.27
N ALA A 391 -16.40 36.32 -13.60
CA ALA A 391 -16.43 37.56 -14.38
C ALA A 391 -17.85 37.86 -14.84
N ALA A 392 -18.37 37.00 -15.69
CA ALA A 392 -19.72 37.21 -16.19
C ALA A 392 -20.67 37.65 -15.08
N THR A 393 -20.50 37.09 -13.88
CA THR A 393 -21.37 37.40 -12.74
C THR A 393 -21.93 38.83 -12.73
N THR A 394 -23.15 38.97 -12.24
CA THR A 394 -23.81 40.25 -12.20
C THR A 394 -23.23 41.18 -11.14
N GLU A 395 -22.59 40.62 -10.11
CA GLU A 395 -22.04 41.47 -9.07
C GLU A 395 -20.69 42.07 -9.48
N ALA A 396 -20.15 41.56 -10.58
CA ALA A 396 -18.85 42.03 -11.05
C ALA A 396 -18.93 43.39 -11.74
N PRO A 397 -17.84 44.16 -11.72
CA PRO A 397 -17.78 45.48 -12.33
C PRO A 397 -18.10 45.44 -13.82
N GLY A 398 -18.71 46.52 -14.31
CA GLY A 398 -19.06 46.61 -15.72
C GLY A 398 -20.48 46.13 -16.03
N GLU A 399 -20.95 46.43 -17.25
CA GLU A 399 -22.30 46.04 -17.67
C GLU A 399 -22.19 45.11 -18.88
N TYR A 400 -23.19 44.24 -19.05
CA TYR A 400 -23.21 43.28 -20.17
C TYR A 400 -23.55 43.92 -21.51
N PHE A 401 -23.13 43.28 -22.59
CA PHE A 401 -23.38 43.82 -23.93
C PHE A 401 -23.37 42.72 -24.97
N PHE A 402 -24.56 42.17 -25.24
CA PHE A 402 -24.70 41.09 -26.20
C PHE A 402 -23.82 41.29 -27.40
N SER A 403 -23.11 40.23 -27.80
CA SER A 403 -22.23 40.31 -28.96
C SER A 403 -22.20 39.01 -29.74
N ASP A 404 -22.74 39.06 -30.97
CA ASP A 404 -22.81 37.91 -31.88
C ASP A 404 -23.82 36.87 -31.37
N GLY A 405 -25.03 37.33 -31.09
CA GLY A 405 -26.07 36.44 -30.61
C GLY A 405 -25.72 35.76 -29.30
N ILE A 406 -24.76 36.34 -28.56
CA ILE A 406 -24.36 35.77 -27.27
C ILE A 406 -24.09 36.86 -26.21
N ARG A 407 -24.32 36.50 -24.94
CA ARG A 407 -24.13 37.39 -23.79
C ARG A 407 -22.66 37.78 -23.68
N LEU A 408 -22.34 38.70 -22.77
CA LEU A 408 -20.94 39.13 -22.61
C LEU A 408 -20.70 39.98 -21.35
N LYS A 409 -19.43 40.05 -20.98
CA LYS A 409 -19.02 40.81 -19.80
C LYS A 409 -17.51 40.94 -19.83
N LYS A 410 -17.05 42.19 -19.89
CA LYS A 410 -15.64 42.50 -19.95
C LYS A 410 -14.81 41.72 -18.90
N TYR A 411 -13.53 41.52 -19.18
CA TYR A 411 -12.64 40.83 -18.27
C TYR A 411 -11.20 40.82 -18.78
N ARG A 412 -10.30 41.42 -18.01
CA ARG A 412 -8.89 41.50 -18.39
C ARG A 412 -7.95 41.47 -17.20
N GLY A 413 -6.69 41.22 -17.48
CA GLY A 413 -5.68 41.16 -16.44
C GLY A 413 -5.16 42.53 -16.08
N MET A 414 -4.93 42.73 -14.79
CA MET A 414 -4.43 44.01 -14.30
C MET A 414 -3.05 44.31 -14.87
N GLY A 415 -2.48 43.30 -15.54
CA GLY A 415 -1.17 43.48 -16.14
C GLY A 415 -1.26 43.89 -17.60
N SER A 416 -2.49 44.01 -18.11
CA SER A 416 -2.72 44.38 -19.50
C SER A 416 -2.43 45.85 -19.70
N LEU A 417 -2.10 46.22 -20.94
CA LEU A 417 -1.81 47.63 -21.27
C LEU A 417 -3.00 48.53 -20.92
N ASP A 418 -4.20 48.03 -21.17
CA ASP A 418 -5.40 48.80 -20.86
C ASP A 418 -5.49 49.04 -19.34
N ALA A 419 -5.50 47.97 -18.57
CA ALA A 419 -5.60 48.11 -17.13
C ALA A 419 -4.50 49.04 -16.63
N MET A 420 -3.31 48.96 -17.22
CA MET A 420 -2.19 49.81 -16.81
C MET A 420 -2.31 51.20 -17.44
N ILE A 437 7.99 52.49 -22.63
CA ILE A 437 6.79 51.64 -22.46
C ILE A 437 6.97 50.37 -21.61
N LYS A 438 5.85 50.08 -20.94
CA LYS A 438 5.74 48.96 -20.05
C LYS A 438 5.51 47.69 -20.86
N VAL A 439 6.01 46.58 -20.30
CA VAL A 439 5.85 45.30 -20.93
C VAL A 439 4.53 44.66 -20.49
N ALA A 440 3.59 44.52 -21.42
CA ALA A 440 2.31 43.89 -21.11
C ALA A 440 2.55 42.42 -20.74
N GLN A 441 2.00 42.00 -19.61
CA GLN A 441 2.11 40.61 -19.16
C GLN A 441 0.71 39.98 -19.06
N GLY A 442 -0.30 40.70 -19.50
CA GLY A 442 -1.63 40.16 -19.43
C GLY A 442 -2.38 40.51 -20.68
N VAL A 443 -3.61 40.02 -20.80
CA VAL A 443 -4.44 40.30 -21.98
C VAL A 443 -5.80 40.85 -21.56
N SER A 444 -6.51 41.38 -22.53
CA SER A 444 -7.85 41.94 -22.28
C SER A 444 -8.92 41.17 -23.06
N GLY A 445 -10.09 41.02 -22.44
CA GLY A 445 -11.16 40.31 -23.10
C GLY A 445 -12.50 40.41 -22.41
N ALA A 446 -13.27 39.33 -22.51
CA ALA A 446 -14.58 39.24 -21.90
C ALA A 446 -15.07 37.80 -21.89
N VAL A 447 -16.08 37.53 -21.05
CA VAL A 447 -16.64 36.17 -20.97
C VAL A 447 -18.14 36.13 -21.15
N GLN A 448 -18.69 34.92 -21.05
CA GLN A 448 -20.12 34.71 -21.22
C GLN A 448 -20.97 35.34 -20.12
N ASP A 449 -21.93 34.58 -19.59
CA ASP A 449 -22.81 35.10 -18.55
C ASP A 449 -23.32 34.03 -17.61
N LYS A 450 -22.84 34.12 -16.37
CA LYS A 450 -23.24 33.21 -15.31
C LYS A 450 -24.36 33.89 -14.52
N GLY A 451 -24.90 33.19 -13.52
CA GLY A 451 -25.96 33.80 -12.74
C GLY A 451 -25.52 34.95 -11.85
N SER A 452 -25.89 34.86 -10.58
CA SER A 452 -25.51 35.87 -9.61
C SER A 452 -24.66 35.21 -8.53
N ILE A 453 -23.68 35.93 -8.02
CA ILE A 453 -22.82 35.38 -6.99
C ILE A 453 -23.62 34.76 -5.86
N HIS A 454 -24.89 35.15 -5.71
CA HIS A 454 -25.70 34.60 -4.63
C HIS A 454 -26.21 33.20 -4.94
N LYS A 455 -26.09 32.79 -6.19
CA LYS A 455 -26.54 31.46 -6.60
C LYS A 455 -25.35 30.69 -7.17
N PHE A 456 -24.42 31.40 -7.78
CA PHE A 456 -23.24 30.79 -8.37
C PHE A 456 -22.34 30.18 -7.30
N VAL A 457 -22.00 30.98 -6.29
CA VAL A 457 -21.17 30.50 -5.20
C VAL A 457 -21.77 29.24 -4.59
N PRO A 458 -23.06 29.29 -4.19
CA PRO A 458 -23.71 28.11 -3.61
C PRO A 458 -23.50 26.88 -4.46
N TYR A 459 -23.44 27.05 -5.78
CA TYR A 459 -23.20 25.92 -6.70
C TYR A 459 -21.78 25.39 -6.50
N LEU A 460 -20.83 26.30 -6.35
CA LEU A 460 -19.45 25.91 -6.16
C LEU A 460 -19.35 25.10 -4.88
N ILE A 461 -20.09 25.53 -3.88
CA ILE A 461 -20.07 24.86 -2.58
C ILE A 461 -20.57 23.43 -2.70
N ALA A 462 -21.63 23.24 -3.48
CA ALA A 462 -22.20 21.91 -3.66
C ALA A 462 -21.15 21.05 -4.33
N GLY A 463 -20.55 21.55 -5.40
CA GLY A 463 -19.53 20.81 -6.09
C GLY A 463 -18.45 20.39 -5.13
N ILE A 464 -17.77 21.36 -4.53
CA ILE A 464 -16.70 21.08 -3.60
C ILE A 464 -17.13 20.04 -2.57
N GLN A 465 -18.39 20.11 -2.12
CA GLN A 465 -18.90 19.14 -1.14
C GLN A 465 -19.06 17.79 -1.82
N HIS A 466 -19.66 17.78 -3.00
CA HIS A 466 -19.84 16.54 -3.74
C HIS A 466 -18.48 15.91 -3.97
N SER A 467 -17.46 16.74 -4.23
CA SER A 467 -16.10 16.24 -4.44
C SER A 467 -15.57 15.60 -3.20
N CYS A 468 -15.64 16.32 -2.08
CA CYS A 468 -15.19 15.77 -0.81
C CYS A 468 -15.87 14.45 -0.47
N GLN A 469 -17.16 14.35 -0.77
CA GLN A 469 -17.88 13.14 -0.48
C GLN A 469 -17.28 11.97 -1.28
N ASP A 470 -17.25 12.10 -2.60
CA ASP A 470 -16.71 11.07 -3.48
C ASP A 470 -15.38 10.55 -3.00
N ILE A 471 -14.58 11.45 -2.44
CA ILE A 471 -13.28 11.06 -1.91
C ILE A 471 -13.45 10.28 -0.61
N GLY A 472 -14.23 10.83 0.30
CA GLY A 472 -14.46 10.18 1.57
C GLY A 472 -14.19 11.08 2.74
N ALA A 473 -13.98 12.37 2.48
CA ALA A 473 -13.70 13.34 3.54
C ALA A 473 -14.92 14.17 3.88
N LYS A 474 -15.18 14.36 5.17
CA LYS A 474 -16.34 15.15 5.62
C LYS A 474 -15.99 16.63 5.83
N SER A 475 -14.76 16.99 5.50
CA SER A 475 -14.29 18.36 5.62
C SER A 475 -13.00 18.58 4.83
N LEU A 476 -12.68 19.84 4.54
CA LEU A 476 -11.46 20.16 3.82
C LEU A 476 -10.24 19.89 4.70
N THR A 477 -10.38 20.10 6.01
CA THR A 477 -9.29 19.86 6.93
C THR A 477 -8.88 18.41 6.77
N GLN A 478 -9.87 17.55 6.57
CA GLN A 478 -9.63 16.12 6.41
C GLN A 478 -8.97 15.79 5.08
N VAL A 479 -9.49 16.37 4.00
CA VAL A 479 -8.93 16.13 2.68
C VAL A 479 -7.43 16.33 2.68
N ARG A 480 -6.96 17.38 3.34
CA ARG A 480 -5.54 17.66 3.39
C ARG A 480 -4.82 16.66 4.29
N ALA A 481 -5.41 16.35 5.43
CA ALA A 481 -4.82 15.38 6.34
C ALA A 481 -4.68 14.03 5.66
N MET A 482 -5.59 13.74 4.75
CA MET A 482 -5.56 12.48 4.02
C MET A 482 -4.45 12.43 2.99
N MET A 483 -4.30 13.49 2.20
CA MET A 483 -3.27 13.54 1.18
C MET A 483 -1.86 13.59 1.75
N TYR A 484 -1.70 14.21 2.91
CA TYR A 484 -0.40 14.29 3.53
C TYR A 484 -0.06 12.97 4.21
N SER A 485 -1.07 12.18 4.55
CA SER A 485 -0.84 10.90 5.22
C SER A 485 -0.56 9.80 4.22
N GLY A 486 -0.99 10.00 2.99
CA GLY A 486 -0.77 8.99 1.98
C GLY A 486 -2.02 8.17 1.74
N GLU A 487 -3.11 8.49 2.43
CA GLU A 487 -4.35 7.76 2.25
C GLU A 487 -5.06 8.20 0.99
N LEU A 488 -4.99 9.49 0.70
CA LEU A 488 -5.64 10.02 -0.48
C LEU A 488 -4.80 9.60 -1.65
N LYS A 489 -5.43 9.05 -2.68
CA LYS A 489 -4.70 8.57 -3.86
C LYS A 489 -4.90 9.38 -5.14
N PHE A 490 -3.86 9.39 -5.98
CA PHE A 490 -3.90 10.14 -7.24
C PHE A 490 -3.47 9.27 -8.39
N GLU A 491 -3.72 9.76 -9.60
CA GLU A 491 -3.33 9.06 -10.80
C GLU A 491 -3.13 10.06 -11.93
N LYS A 492 -2.01 9.94 -12.62
CA LYS A 492 -1.73 10.83 -13.75
C LYS A 492 -2.77 10.61 -14.86
N ARG A 493 -2.94 11.60 -15.72
CA ARG A 493 -3.87 11.48 -16.84
C ARG A 493 -3.18 11.81 -18.16
N THR A 494 -3.14 10.84 -19.07
CA THR A 494 -2.52 11.07 -20.37
C THR A 494 -3.44 11.97 -21.20
N SER A 495 -2.92 12.51 -22.30
CA SER A 495 -3.73 13.39 -23.17
C SER A 495 -5.05 12.71 -23.56
N SER A 496 -4.98 11.42 -23.85
CA SER A 496 -6.17 10.66 -24.23
C SER A 496 -7.06 10.54 -23.00
N ALA A 497 -6.44 10.43 -21.83
CA ALA A 497 -7.19 10.32 -20.59
C ALA A 497 -7.92 11.62 -20.31
N GLN A 498 -7.29 12.73 -20.73
CA GLN A 498 -7.89 14.05 -20.55
C GLN A 498 -9.03 14.20 -21.55
N VAL A 499 -8.82 13.75 -22.77
CA VAL A 499 -9.86 13.81 -23.81
C VAL A 499 -11.07 12.97 -23.37
N GLU A 500 -10.80 11.77 -22.85
CA GLU A 500 -11.89 10.91 -22.42
C GLU A 500 -12.53 11.55 -21.18
N GLY A 501 -11.73 12.31 -20.46
CA GLY A 501 -12.24 12.95 -19.26
C GLY A 501 -13.36 13.94 -19.51
N GLY A 502 -13.29 14.64 -20.64
CA GLY A 502 -14.32 15.62 -20.97
C GLY A 502 -15.32 15.02 -21.93
N VAL A 503 -16.13 15.88 -22.55
CA VAL A 503 -17.16 15.44 -23.49
C VAL A 503 -16.50 14.98 -24.78
N HIS A 504 -16.93 13.82 -25.29
CA HIS A 504 -16.39 13.26 -26.52
C HIS A 504 -17.41 12.37 -27.19
N SER A 505 -17.14 12.02 -28.44
CA SER A 505 -18.00 11.16 -29.25
C SER A 505 -19.42 11.67 -29.46
N LEU A 506 -19.63 12.97 -29.33
CA LEU A 506 -20.96 13.53 -29.55
C LEU A 506 -21.00 14.36 -30.85
N HIS A 507 -22.10 14.24 -31.59
CA HIS A 507 -22.29 15.01 -32.82
C HIS A 507 -22.53 16.50 -32.50
N SER A 508 -23.08 16.76 -31.32
CA SER A 508 -23.35 18.11 -30.87
C SER A 508 -23.86 18.03 -29.42
N TYR A 509 -23.79 19.15 -28.71
CA TYR A 509 -24.24 19.16 -27.32
C TYR A 509 -24.18 20.57 -26.71
N GLU A 510 -24.98 20.80 -25.67
CA GLU A 510 -24.98 22.07 -24.96
C GLU A 510 -24.54 21.81 -23.53
N LYS A 511 -24.37 22.88 -22.74
CA LYS A 511 -23.93 22.66 -21.37
C LYS A 511 -24.46 23.69 -20.38
N ARG A 512 -25.07 23.14 -19.32
CA ARG A 512 -25.64 23.92 -18.24
C ARG A 512 -25.08 23.26 -16.96
N LEU A 513 -24.49 24.07 -16.09
CA LEU A 513 -23.85 23.53 -14.89
C LEU A 513 -24.68 23.41 -13.58
N PHE A 514 -25.55 24.38 -13.28
CA PHE A 514 -26.34 24.29 -12.06
C PHE A 514 -27.81 24.63 -12.28
N THR B 10 -4.83 10.99 11.94
CA THR B 10 -5.21 10.19 10.71
C THR B 10 -5.30 8.67 10.99
N SER B 11 -4.26 8.14 11.67
CA SER B 11 -4.23 6.72 12.01
C SER B 11 -4.34 5.95 10.68
N TYR B 12 -3.34 6.14 9.82
CA TYR B 12 -3.34 5.54 8.50
C TYR B 12 -2.31 4.44 8.27
N VAL B 13 -1.05 4.75 8.52
CA VAL B 13 0.03 3.78 8.31
C VAL B 13 0.05 3.38 6.84
N PRO B 14 1.12 3.80 6.12
CA PRO B 14 1.29 3.50 4.69
C PRO B 14 1.52 2.02 4.37
N ASP B 15 1.38 1.67 3.10
CA ASP B 15 1.61 0.29 2.70
C ASP B 15 3.11 -0.03 2.46
N ASP B 16 3.91 0.13 3.52
CA ASP B 16 5.33 -0.16 3.43
C ASP B 16 5.52 -1.66 3.27
N GLY B 17 6.57 -2.02 2.55
CA GLY B 17 6.86 -3.43 2.33
C GLY B 17 6.92 -3.82 0.86
N LEU B 18 7.85 -4.72 0.55
CA LEU B 18 8.04 -5.21 -0.80
C LEU B 18 7.19 -6.46 -1.00
N THR B 19 6.82 -6.72 -2.24
CA THR B 19 6.05 -7.90 -2.57
C THR B 19 6.96 -8.91 -3.26
N ALA B 20 6.63 -10.19 -3.15
CA ALA B 20 7.44 -11.22 -3.74
C ALA B 20 7.88 -10.88 -5.17
N GLN B 21 6.89 -10.58 -6.00
CA GLN B 21 7.11 -10.23 -7.39
C GLN B 21 8.33 -9.34 -7.60
N GLN B 22 8.22 -8.06 -7.22
CA GLN B 22 9.33 -7.13 -7.36
C GLN B 22 10.66 -7.61 -6.73
N LEU B 23 10.61 -8.64 -5.90
CA LEU B 23 11.81 -9.10 -5.22
C LEU B 23 12.48 -10.33 -5.82
N PHE B 24 11.73 -11.17 -6.53
CA PHE B 24 12.30 -12.39 -7.08
C PHE B 24 12.02 -12.55 -8.55
N ASN B 25 11.52 -11.50 -9.20
CA ASN B 25 11.15 -11.62 -10.60
C ASN B 25 11.88 -10.66 -11.54
N CYS B 26 13.11 -10.29 -11.18
CA CYS B 26 13.89 -9.35 -12.00
C CYS B 26 15.13 -9.97 -12.63
N GLY B 27 16.14 -10.27 -11.80
CA GLY B 27 17.34 -10.87 -12.33
C GLY B 27 18.52 -10.73 -11.42
N ASP B 28 18.23 -10.39 -10.17
CA ASP B 28 19.29 -10.22 -9.19
C ASP B 28 19.70 -11.57 -8.64
N GLY B 29 18.77 -12.50 -8.58
CA GLY B 29 19.11 -13.80 -8.07
C GLY B 29 19.55 -13.80 -6.63
N LEU B 30 18.58 -13.74 -5.72
CA LEU B 30 18.88 -13.76 -4.30
C LEU B 30 18.46 -15.07 -3.63
N THR B 31 19.10 -15.38 -2.51
CA THR B 31 18.84 -16.60 -1.75
C THR B 31 18.15 -16.26 -0.46
N TYR B 32 17.93 -17.27 0.36
CA TYR B 32 17.23 -17.07 1.63
C TYR B 32 17.84 -16.01 2.53
N ASN B 33 19.15 -16.01 2.66
CA ASN B 33 19.83 -15.05 3.51
C ASN B 33 19.76 -13.61 3.01
N ASP B 34 19.16 -13.39 1.85
CA ASP B 34 19.08 -12.05 1.27
C ASP B 34 17.82 -11.26 1.59
N PHE B 35 16.89 -11.87 2.29
CA PHE B 35 15.65 -11.17 2.61
C PHE B 35 15.00 -11.63 3.90
N LEU B 36 13.95 -10.92 4.31
CA LEU B 36 13.21 -11.27 5.50
C LEU B 36 11.72 -11.23 5.24
N ILE B 37 10.94 -11.44 6.28
CA ILE B 37 9.48 -11.41 6.16
C ILE B 37 8.92 -10.56 7.29
N LEU B 38 8.45 -9.36 6.95
CA LEU B 38 7.89 -8.45 7.94
C LEU B 38 6.76 -9.06 8.74
N PRO B 39 6.81 -8.93 10.07
CA PRO B 39 5.79 -9.49 10.95
C PRO B 39 4.43 -8.88 10.70
N GLY B 40 3.39 -9.54 11.21
CA GLY B 40 2.03 -9.07 11.04
C GLY B 40 1.30 -9.00 12.36
N TYR B 41 0.07 -9.52 12.38
CA TYR B 41 -0.73 -9.52 13.59
C TYR B 41 -0.91 -10.93 14.13
N ILE B 42 -0.64 -11.09 15.42
CA ILE B 42 -0.78 -12.37 16.07
C ILE B 42 -2.02 -12.40 16.95
N ASP B 43 -2.88 -13.39 16.71
CA ASP B 43 -4.10 -13.55 17.47
C ASP B 43 -4.44 -15.05 17.58
N PHE B 44 -3.42 -15.84 17.89
CA PHE B 44 -3.58 -17.27 18.05
C PHE B 44 -2.23 -17.76 18.47
N THR B 45 -2.17 -18.91 19.14
CA THR B 45 -0.88 -19.43 19.59
C THR B 45 -0.20 -20.28 18.51
N ALA B 46 1.13 -20.30 18.53
CA ALA B 46 1.92 -21.04 17.56
C ALA B 46 1.48 -22.47 17.32
N ASP B 47 1.19 -23.21 18.38
CA ASP B 47 0.78 -24.62 18.23
C ASP B 47 -0.55 -24.78 17.52
N GLN B 48 -1.24 -23.69 17.25
CA GLN B 48 -2.52 -23.77 16.56
C GLN B 48 -2.27 -23.73 15.06
N VAL B 49 -1.02 -23.53 14.66
CA VAL B 49 -0.66 -23.47 13.25
C VAL B 49 -0.63 -24.85 12.62
N ASP B 50 -1.40 -25.01 11.56
CA ASP B 50 -1.49 -26.27 10.83
C ASP B 50 -0.47 -26.32 9.71
N LEU B 51 0.43 -27.29 9.75
CA LEU B 51 1.47 -27.39 8.73
C LEU B 51 1.15 -28.33 7.57
N THR B 52 -0.06 -28.87 7.56
CA THR B 52 -0.48 -29.77 6.51
C THR B 52 -0.07 -29.19 5.17
N SER B 53 0.55 -30.01 4.34
CA SER B 53 0.99 -29.60 3.02
C SER B 53 1.05 -30.79 2.07
N ALA B 54 0.94 -30.53 0.76
CA ALA B 54 0.94 -31.59 -0.24
C ALA B 54 2.33 -31.92 -0.76
N LEU B 55 2.61 -33.20 -0.93
CA LEU B 55 3.90 -33.64 -1.45
C LEU B 55 3.73 -33.91 -2.94
N THR B 56 2.53 -34.32 -3.33
CA THR B 56 2.21 -34.57 -4.73
C THR B 56 0.74 -34.30 -4.96
N LYS B 57 0.27 -34.44 -6.19
CA LYS B 57 -1.13 -34.21 -6.53
C LYS B 57 -2.06 -35.06 -5.71
N LYS B 58 -1.61 -36.26 -5.36
CA LYS B 58 -2.44 -37.18 -4.61
C LYS B 58 -2.08 -37.35 -3.16
N ILE B 59 -0.81 -37.14 -2.80
CA ILE B 59 -0.38 -37.33 -1.41
C ILE B 59 -0.29 -36.09 -0.53
N THR B 60 -0.55 -36.26 0.77
CA THR B 60 -0.49 -35.15 1.70
C THR B 60 0.15 -35.55 3.00
N LEU B 61 1.11 -34.76 3.47
CA LEU B 61 1.79 -35.05 4.73
C LEU B 61 1.36 -34.10 5.86
N LYS B 62 1.55 -34.51 7.11
CA LYS B 62 1.17 -33.66 8.22
C LYS B 62 2.20 -32.57 8.38
N THR B 63 3.42 -32.85 7.94
CA THR B 63 4.49 -31.87 8.01
C THR B 63 5.19 -31.78 6.68
N PRO B 64 5.59 -30.57 6.26
CA PRO B 64 6.28 -30.33 5.00
C PRO B 64 7.74 -30.80 4.90
N LEU B 65 8.20 -31.54 5.90
CA LEU B 65 9.59 -32.00 5.89
C LEU B 65 9.74 -33.28 5.08
N VAL B 66 10.88 -33.41 4.40
CA VAL B 66 11.17 -34.56 3.55
C VAL B 66 12.67 -34.83 3.49
N SER B 67 13.09 -36.04 3.85
CA SER B 67 14.51 -36.39 3.82
C SER B 67 15.01 -36.65 2.40
N SER B 68 16.26 -36.30 2.13
CA SER B 68 16.81 -36.47 0.79
C SER B 68 17.28 -37.86 0.45
N PRO B 69 17.21 -38.23 -0.83
CA PRO B 69 17.65 -39.53 -1.31
C PRO B 69 19.14 -39.59 -1.47
N MET B 70 19.88 -39.48 -0.37
CA MET B 70 21.33 -39.56 -0.40
C MET B 70 21.78 -40.68 0.52
N ASP B 71 22.82 -41.40 0.09
CA ASP B 71 23.34 -42.54 0.84
C ASP B 71 23.87 -42.23 2.23
N THR B 72 23.63 -41.00 2.70
CA THR B 72 24.10 -40.61 4.03
C THR B 72 22.98 -39.95 4.80
N VAL B 73 21.80 -39.96 4.20
CA VAL B 73 20.65 -39.32 4.82
C VAL B 73 19.43 -40.22 5.02
N THR B 74 18.88 -40.71 3.92
CA THR B 74 17.69 -41.54 3.99
C THR B 74 17.90 -43.01 3.69
N GLU B 75 17.45 -43.86 4.61
CA GLU B 75 17.56 -45.30 4.48
C GLU B 75 16.62 -45.85 5.52
N ALA B 76 15.78 -46.80 5.13
CA ALA B 76 14.83 -47.44 6.04
C ALA B 76 14.62 -46.70 7.35
N GLY B 77 15.58 -46.80 8.26
CA GLY B 77 15.47 -46.13 9.54
C GLY B 77 15.00 -44.69 9.44
N MET B 78 15.59 -43.97 8.50
CA MET B 78 15.25 -42.57 8.28
C MET B 78 13.87 -42.42 7.67
N ALA B 79 13.57 -43.25 6.67
CA ALA B 79 12.26 -43.20 6.01
C ALA B 79 11.15 -43.58 6.96
N ILE B 80 11.50 -44.27 8.03
CA ILE B 80 10.53 -44.69 9.03
C ILE B 80 10.34 -43.57 10.05
N ALA B 81 11.44 -43.13 10.62
CA ALA B 81 11.38 -42.06 11.62
C ALA B 81 10.68 -40.87 10.99
N MET B 82 11.14 -40.50 9.82
CA MET B 82 10.59 -39.36 9.10
C MET B 82 9.09 -39.52 8.99
N ALA B 83 8.65 -40.67 8.51
CA ALA B 83 7.23 -40.93 8.34
C ALA B 83 6.46 -40.88 9.66
N LEU B 84 7.09 -41.40 10.71
CA LEU B 84 6.47 -41.40 12.04
C LEU B 84 6.34 -39.99 12.63
N THR B 85 7.32 -39.14 12.35
CA THR B 85 7.30 -37.77 12.87
C THR B 85 6.40 -36.86 12.05
N GLY B 86 5.86 -37.39 10.96
CA GLY B 86 4.95 -36.62 10.14
C GLY B 86 5.38 -36.30 8.71
N GLY B 87 6.62 -36.62 8.35
CA GLY B 87 7.12 -36.35 7.02
C GLY B 87 7.27 -37.59 6.16
N ILE B 88 8.22 -37.58 5.23
CA ILE B 88 8.43 -38.74 4.39
C ILE B 88 9.90 -38.82 4.02
N GLY B 89 10.36 -39.96 3.50
CA GLY B 89 11.75 -40.10 3.12
C GLY B 89 11.92 -40.77 1.78
N PHE B 90 13.09 -40.63 1.17
CA PHE B 90 13.38 -41.25 -0.12
C PHE B 90 14.67 -42.05 -0.05
N ILE B 91 14.57 -43.36 -0.24
CA ILE B 91 15.75 -44.22 -0.19
C ILE B 91 16.64 -43.92 -1.38
N HIS B 92 17.93 -43.72 -1.14
CA HIS B 92 18.84 -43.42 -2.25
C HIS B 92 18.99 -44.62 -3.13
N HIS B 93 19.54 -44.43 -4.32
CA HIS B 93 19.69 -45.53 -5.26
C HIS B 93 21.13 -45.91 -5.57
N ASN B 94 22.02 -45.80 -4.57
CA ASN B 94 23.42 -46.17 -4.74
C ASN B 94 23.62 -47.57 -4.13
N CYS B 95 23.05 -48.57 -4.81
CA CYS B 95 23.10 -49.97 -4.41
C CYS B 95 22.17 -50.72 -5.35
N THR B 96 22.51 -51.95 -5.69
CA THR B 96 21.68 -52.76 -6.60
C THR B 96 20.21 -52.59 -6.29
N PRO B 97 19.38 -52.55 -7.32
CA PRO B 97 17.94 -52.38 -7.15
C PRO B 97 17.34 -53.25 -6.05
N GLU B 98 17.81 -54.49 -5.97
CA GLU B 98 17.32 -55.43 -4.98
C GLU B 98 17.40 -54.88 -3.59
N PHE B 99 18.59 -54.44 -3.20
CA PHE B 99 18.81 -53.86 -1.88
C PHE B 99 17.98 -52.59 -1.64
N GLN B 100 17.96 -51.71 -2.62
CA GLN B 100 17.19 -50.47 -2.50
C GLN B 100 15.74 -50.86 -2.35
N ALA B 101 15.29 -51.79 -3.18
CA ALA B 101 13.90 -52.26 -3.12
C ALA B 101 13.62 -52.87 -1.74
N ASN B 102 14.61 -53.52 -1.18
CA ASN B 102 14.46 -54.14 0.13
C ASN B 102 14.16 -53.08 1.16
N GLU B 103 14.96 -52.02 1.16
CA GLU B 103 14.77 -50.92 2.11
C GLU B 103 13.36 -50.38 2.06
N VAL B 104 12.73 -50.53 0.90
CA VAL B 104 11.39 -50.04 0.73
C VAL B 104 10.42 -50.94 1.46
N ARG B 105 10.35 -52.22 1.04
CA ARG B 105 9.44 -53.19 1.68
C ARG B 105 9.66 -53.15 3.19
N LYS B 106 10.93 -53.12 3.55
CA LYS B 106 11.32 -53.05 4.94
C LYS B 106 10.51 -51.94 5.60
N VAL B 107 10.47 -50.79 4.95
CA VAL B 107 9.73 -49.67 5.49
C VAL B 107 8.22 -49.90 5.38
N LYS B 108 7.79 -50.08 4.14
CA LYS B 108 6.38 -50.26 3.82
C LYS B 108 5.66 -51.26 4.70
N LYS B 109 6.37 -52.17 5.31
CA LYS B 109 5.67 -53.12 6.16
C LYS B 109 6.24 -53.15 7.59
N TYR B 110 6.50 -51.95 8.10
CA TYR B 110 7.01 -51.75 9.46
C TYR B 110 5.80 -51.60 10.38
N GLU B 111 5.84 -52.25 11.54
CA GLU B 111 4.72 -52.17 12.49
C GLU B 111 5.17 -52.05 13.93
N GLN B 112 4.64 -51.05 14.61
CA GLN B 112 4.98 -50.76 16.00
C GLN B 112 5.20 -52.05 16.81
N GLY B 113 6.24 -52.04 17.63
CA GLY B 113 6.54 -53.21 18.45
C GLY B 113 7.19 -54.37 17.72
N PHE B 114 6.65 -54.73 16.57
CA PHE B 114 7.20 -55.84 15.77
C PHE B 114 8.66 -55.56 15.43
N ILE B 115 9.50 -56.59 15.54
CA ILE B 115 10.91 -56.45 15.26
C ILE B 115 11.13 -55.81 13.92
N THR B 116 12.06 -54.88 13.88
CA THR B 116 12.43 -54.17 12.64
C THR B 116 12.58 -55.17 11.48
N ASP B 117 13.80 -55.69 11.32
CA ASP B 117 14.12 -56.67 10.27
C ASP B 117 15.09 -57.66 10.89
N PRO B 118 14.53 -58.68 11.58
CA PRO B 118 15.31 -59.73 12.25
C PRO B 118 16.53 -60.28 11.50
N VAL B 119 17.71 -60.03 12.09
CA VAL B 119 18.97 -60.54 11.55
C VAL B 119 18.75 -62.04 11.55
N VAL B 120 19.41 -62.73 10.63
CA VAL B 120 19.19 -64.17 10.56
C VAL B 120 20.36 -64.92 9.90
N LEU B 121 20.41 -66.22 10.18
CA LEU B 121 21.43 -67.12 9.64
C LEU B 121 20.75 -68.41 9.10
N SER B 122 21.52 -69.15 8.31
CA SER B 122 21.03 -70.38 7.71
C SER B 122 21.55 -71.59 8.49
N PRO B 123 20.87 -72.73 8.37
CA PRO B 123 21.32 -73.93 9.09
C PRO B 123 22.77 -74.21 8.71
N LYS B 124 23.15 -73.74 7.52
CA LYS B 124 24.50 -73.91 6.96
C LYS B 124 25.56 -73.25 7.84
N GLY B 156 14.51 -73.19 14.23
CA GLY B 156 14.43 -72.92 15.66
C GLY B 156 15.33 -71.77 16.14
N ILE B 157 14.92 -71.14 17.25
CA ILE B 157 15.68 -70.02 17.82
C ILE B 157 17.13 -70.45 18.13
N ILE B 158 17.97 -69.47 18.49
CA ILE B 158 19.39 -69.73 18.77
C ILE B 158 19.90 -68.72 19.81
N SER B 159 19.51 -68.94 21.08
CA SER B 159 19.95 -68.05 22.17
C SER B 159 21.42 -68.22 22.58
N SER B 160 22.13 -67.09 22.64
CA SER B 160 23.56 -67.05 22.99
C SER B 160 24.08 -68.24 23.80
N ARG B 161 23.27 -68.68 24.78
CA ARG B 161 23.63 -69.81 25.64
C ARG B 161 24.63 -70.73 24.94
N ASP B 162 24.13 -71.40 23.91
CA ASP B 162 24.89 -72.34 23.10
C ASP B 162 26.21 -71.79 22.58
N ILE B 163 26.11 -70.83 21.67
CA ILE B 163 27.29 -70.19 21.07
C ILE B 163 28.52 -70.22 22.01
N ASP B 164 28.27 -69.90 23.28
CA ASP B 164 29.32 -69.88 24.29
C ASP B 164 30.08 -71.21 24.50
N PHE B 165 29.51 -72.07 25.36
CA PHE B 165 30.15 -73.35 25.71
C PHE B 165 30.04 -74.56 24.75
N LEU B 166 30.65 -75.67 25.17
CA LEU B 166 30.65 -76.94 24.42
C LEU B 166 31.15 -76.79 22.98
N GLU B 170 34.83 -76.34 20.35
CA GLU B 170 35.10 -76.19 18.91
C GLU B 170 33.81 -75.90 18.12
N HIS B 171 33.90 -75.04 17.10
CA HIS B 171 32.73 -74.73 16.29
C HIS B 171 32.24 -75.96 15.53
N ASP B 172 31.42 -76.78 16.21
CA ASP B 172 30.87 -78.01 15.62
C ASP B 172 30.30 -77.81 14.22
N CYS B 173 30.15 -78.92 13.50
CA CYS B 173 29.61 -78.89 12.13
C CYS B 173 28.35 -78.05 11.98
N PHE B 174 28.54 -76.85 11.46
CA PHE B 174 27.48 -75.86 11.23
C PHE B 174 26.54 -75.54 12.40
N LEU B 175 25.73 -74.51 12.18
CA LEU B 175 24.75 -74.01 13.14
C LEU B 175 23.61 -74.96 13.52
N GLU B 176 22.88 -75.47 12.53
CA GLU B 176 21.76 -76.36 12.80
C GLU B 176 22.16 -77.47 13.78
N GLU B 177 23.43 -77.86 13.73
CA GLU B 177 23.97 -78.90 14.60
C GLU B 177 24.25 -78.35 16.01
N ILE B 178 25.15 -77.37 16.11
CA ILE B 178 25.49 -76.72 17.38
C ILE B 178 24.26 -76.05 17.96
N MET B 179 23.10 -76.32 17.36
CA MET B 179 21.87 -75.69 17.80
C MET B 179 20.61 -76.40 17.31
N THR B 180 20.22 -77.45 18.03
CA THR B 180 19.01 -78.19 17.65
C THR B 180 17.88 -77.71 18.57
N LYS B 181 17.37 -76.51 18.27
CA LYS B 181 16.28 -75.98 19.06
C LYS B 181 14.97 -76.67 18.67
N ARG B 182 14.63 -77.68 19.49
CA ARG B 182 13.41 -78.50 19.34
C ARG B 182 12.16 -77.71 18.89
N GLU B 183 11.34 -78.39 18.09
CA GLU B 183 10.09 -77.82 17.59
C GLU B 183 9.29 -77.39 18.83
N ASP B 184 9.37 -78.22 19.87
CA ASP B 184 8.69 -77.94 21.12
C ASP B 184 9.34 -76.72 21.72
N LEU B 185 8.85 -75.55 21.35
CA LEU B 185 9.41 -74.30 21.87
C LEU B 185 8.40 -73.16 21.88
N VAL B 186 8.65 -72.18 22.76
CA VAL B 186 7.78 -71.02 22.91
C VAL B 186 7.64 -70.17 21.64
N VAL B 187 6.48 -70.33 20.98
CA VAL B 187 6.16 -69.59 19.76
C VAL B 187 4.73 -69.13 19.91
N ALA B 188 4.24 -68.30 18.98
CA ALA B 188 2.87 -67.81 19.07
C ALA B 188 2.06 -67.85 17.76
N PRO B 189 0.74 -68.04 17.87
CA PRO B 189 -0.22 -68.12 16.75
C PRO B 189 -0.54 -66.74 16.16
N ALA B 190 -1.09 -66.75 14.94
CA ALA B 190 -1.47 -65.53 14.21
C ALA B 190 -2.35 -64.56 15.00
N GLY B 191 -2.91 -65.03 16.13
CA GLY B 191 -3.72 -64.16 16.96
C GLY B 191 -2.79 -63.20 17.69
N ILE B 192 -1.50 -63.29 17.37
CA ILE B 192 -0.45 -62.46 17.94
C ILE B 192 -0.85 -61.01 18.05
N THR B 193 -0.58 -60.43 19.22
CA THR B 193 -0.87 -59.04 19.51
C THR B 193 0.13 -58.55 20.55
N LEU B 194 0.37 -57.23 20.55
CA LEU B 194 1.32 -56.61 21.48
C LEU B 194 0.90 -56.91 22.92
N LYS B 195 -0.39 -57.17 23.10
CA LYS B 195 -0.95 -57.46 24.42
C LYS B 195 -0.36 -58.77 24.99
N GLU B 196 -0.82 -59.90 24.43
CA GLU B 196 -0.35 -61.21 24.88
C GLU B 196 1.15 -61.42 24.65
N ALA B 197 1.67 -60.78 23.58
CA ALA B 197 3.08 -60.86 23.25
C ALA B 197 3.97 -60.64 24.51
N ASN B 198 4.37 -59.38 24.74
CA ASN B 198 5.19 -59.02 25.90
C ASN B 198 4.92 -59.93 27.11
N GLU B 199 3.66 -59.96 27.54
CA GLU B 199 3.26 -60.75 28.68
C GLU B 199 3.78 -62.19 28.55
N ILE B 200 3.31 -62.90 27.53
CA ILE B 200 3.72 -64.27 27.30
C ILE B 200 5.25 -64.41 27.34
N LEU B 201 5.92 -63.37 26.88
CA LEU B 201 7.38 -63.35 26.84
C LEU B 201 7.97 -63.57 28.24
N GLN B 202 7.21 -63.18 29.26
CA GLN B 202 7.64 -63.33 30.64
C GLN B 202 7.85 -64.81 30.98
N ARG B 203 6.85 -65.63 30.63
CA ARG B 203 6.91 -67.07 30.88
C ARG B 203 8.24 -67.62 30.35
N SER B 204 8.57 -67.24 29.11
CA SER B 204 9.81 -67.71 28.49
C SER B 204 10.97 -66.81 28.89
N LYS B 205 10.65 -65.78 29.70
CA LYS B 205 11.62 -64.79 30.16
C LYS B 205 12.53 -64.35 29.01
N LYS B 206 11.99 -64.39 27.79
CA LYS B 206 12.76 -63.97 26.62
C LYS B 206 12.29 -62.57 26.23
N GLY B 207 12.85 -62.02 25.14
CA GLY B 207 12.47 -60.68 24.75
C GLY B 207 12.11 -60.56 23.29
N LYS B 208 11.86 -61.70 22.64
CA LYS B 208 11.48 -61.71 21.23
C LYS B 208 10.87 -63.01 20.76
N LEU B 209 9.70 -63.37 21.31
CA LEU B 209 9.03 -64.60 20.92
C LEU B 209 8.67 -64.54 19.43
N PRO B 210 8.86 -65.68 18.72
CA PRO B 210 8.55 -65.76 17.28
C PRO B 210 7.05 -66.01 17.01
N ILE B 211 6.57 -65.48 15.88
CA ILE B 211 5.17 -65.65 15.46
C ILE B 211 5.13 -66.16 14.02
N VAL B 212 4.18 -67.06 13.75
CA VAL B 212 4.03 -67.64 12.40
C VAL B 212 2.55 -67.81 12.05
N ASN B 213 2.28 -67.78 10.75
CA ASN B 213 0.92 -67.92 10.24
C ASN B 213 0.43 -69.35 10.46
N GLU B 214 0.82 -70.24 9.57
CA GLU B 214 0.42 -71.64 9.64
C GLU B 214 1.50 -72.54 9.07
N ASP B 215 2.14 -72.08 8.00
CA ASP B 215 3.20 -72.84 7.36
C ASP B 215 4.59 -72.50 7.93
N ASP B 216 4.73 -72.70 9.25
CA ASP B 216 6.01 -72.46 9.95
C ASP B 216 7.01 -71.60 9.22
N GLU B 217 6.54 -70.47 8.70
CA GLU B 217 7.42 -69.54 8.02
C GLU B 217 7.23 -68.16 8.66
N LEU B 218 8.06 -67.88 9.66
CA LEU B 218 8.07 -66.63 10.41
C LEU B 218 7.53 -65.39 9.66
N VAL B 219 6.35 -64.93 10.06
CA VAL B 219 5.74 -63.75 9.45
C VAL B 219 6.29 -62.56 10.19
N ALA B 220 6.61 -62.78 11.46
CA ALA B 220 7.18 -61.72 12.28
C ALA B 220 7.58 -62.22 13.69
N ILE B 221 8.32 -61.38 14.41
CA ILE B 221 8.77 -61.72 15.76
C ILE B 221 8.49 -60.50 16.62
N ILE B 222 7.71 -60.67 17.68
CA ILE B 222 7.41 -59.54 18.58
C ILE B 222 8.62 -59.30 19.48
N ALA B 223 8.84 -58.06 19.89
CA ALA B 223 10.00 -57.78 20.73
C ALA B 223 9.73 -56.78 21.83
N ARG B 224 10.35 -57.02 22.98
CA ARG B 224 10.21 -56.13 24.13
C ARG B 224 10.95 -54.81 23.87
N THR B 225 12.21 -54.94 23.45
CA THR B 225 13.07 -53.78 23.14
C THR B 225 12.51 -53.00 21.93
N LEU B 227 9.64 -47.91 23.77
CA LEU B 227 10.36 -49.17 24.02
C LEU B 227 9.76 -49.96 25.20
N LYS B 228 9.62 -49.26 26.34
CA LYS B 228 9.10 -49.86 27.57
C LYS B 228 7.75 -49.19 27.81
N LYS B 229 7.34 -48.42 26.81
CA LYS B 229 6.07 -47.68 26.84
C LYS B 229 6.04 -46.86 25.55
N ASN B 230 5.98 -47.56 24.42
CA ASN B 230 5.93 -46.94 23.11
C ASN B 230 5.03 -45.70 23.12
N ARG B 231 5.48 -44.64 22.43
CA ARG B 231 4.73 -43.41 22.36
C ARG B 231 3.57 -43.53 21.36
N ASP B 232 3.02 -42.38 21.00
CA ASP B 232 1.95 -42.30 20.02
C ASP B 232 2.38 -41.31 18.93
N TYR B 233 2.19 -41.71 17.68
CA TYR B 233 2.54 -40.88 16.53
C TYR B 233 1.28 -40.52 15.80
N PRO B 234 0.60 -39.47 16.27
CA PRO B 234 -0.66 -38.95 15.71
C PRO B 234 -0.56 -38.36 14.31
N LEU B 235 0.65 -37.98 13.90
CA LEU B 235 0.86 -37.36 12.60
C LEU B 235 1.43 -38.31 11.57
N ALA B 236 1.77 -39.52 12.00
CA ALA B 236 2.33 -40.52 11.11
C ALA B 236 1.78 -40.45 9.71
N SER B 237 2.67 -40.55 8.72
CA SER B 237 2.28 -40.51 7.33
C SER B 237 2.11 -41.91 6.81
N LYS B 238 0.87 -42.32 6.57
CA LYS B 238 0.61 -43.66 6.08
C LYS B 238 -0.27 -43.67 4.83
N ASP B 239 -0.34 -44.83 4.18
CA ASP B 239 -1.15 -44.96 2.97
C ASP B 239 -2.50 -45.58 3.34
N ALA B 240 -3.23 -46.02 2.32
CA ALA B 240 -4.53 -46.61 2.54
C ALA B 240 -4.43 -47.86 3.44
N LYS B 241 -3.47 -48.72 3.14
CA LYS B 241 -3.31 -49.95 3.92
C LYS B 241 -2.73 -49.67 5.31
N LYS B 242 -2.86 -48.43 5.77
CA LYS B 242 -2.33 -48.04 7.08
C LYS B 242 -0.83 -48.24 7.25
N GLN B 243 -0.11 -48.41 6.16
CA GLN B 243 1.34 -48.60 6.26
C GLN B 243 2.03 -47.24 6.04
N LEU B 244 3.18 -47.04 6.68
CA LEU B 244 3.93 -45.79 6.55
C LEU B 244 4.22 -45.50 5.08
N LEU B 245 4.26 -44.23 4.69
CA LEU B 245 4.54 -43.89 3.31
C LEU B 245 6.02 -44.06 3.08
N CYS B 246 6.40 -44.29 1.82
CA CYS B 246 7.80 -44.46 1.51
C CYS B 246 8.11 -44.06 0.08
N GLY B 247 9.13 -43.24 -0.07
CA GLY B 247 9.52 -42.78 -1.38
C GLY B 247 10.82 -43.42 -1.77
N ALA B 248 11.19 -43.28 -3.04
CA ALA B 248 12.41 -43.85 -3.55
C ALA B 248 12.87 -43.16 -4.82
N ALA B 249 14.17 -42.94 -4.94
CA ALA B 249 14.74 -42.28 -6.10
C ALA B 249 15.37 -43.27 -7.08
N ILE B 250 15.26 -42.96 -8.37
CA ILE B 250 15.79 -43.79 -9.45
C ILE B 250 16.33 -42.88 -10.53
N GLY B 251 17.23 -43.42 -11.35
CA GLY B 251 17.80 -42.65 -12.43
C GLY B 251 16.86 -42.63 -13.62
N THR B 252 17.31 -42.04 -14.72
CA THR B 252 16.49 -41.96 -15.90
C THR B 252 17.13 -42.75 -17.01
N HIS B 253 18.22 -43.43 -16.66
CA HIS B 253 18.93 -44.24 -17.63
C HIS B 253 18.16 -45.55 -17.88
N GLU B 254 18.35 -46.13 -19.06
CA GLU B 254 17.64 -47.36 -19.41
C GLU B 254 17.60 -48.42 -18.30
N ASP B 255 18.78 -48.80 -17.80
CA ASP B 255 18.86 -49.81 -16.75
C ASP B 255 18.13 -49.46 -15.45
N ASP B 256 17.32 -48.42 -15.48
CA ASP B 256 16.61 -47.99 -14.28
C ASP B 256 15.17 -48.50 -14.31
N LYS B 257 14.73 -48.93 -15.50
CA LYS B 257 13.37 -49.44 -15.67
C LYS B 257 13.13 -50.70 -14.81
N TYR B 258 14.15 -51.57 -14.75
CA TYR B 258 14.07 -52.79 -13.95
C TYR B 258 14.07 -52.42 -12.47
N ARG B 259 14.99 -51.55 -12.09
CA ARG B 259 15.11 -51.10 -10.71
C ARG B 259 13.77 -50.57 -10.24
N LEU B 260 13.17 -49.69 -11.03
CA LEU B 260 11.88 -49.14 -10.67
C LEU B 260 10.93 -50.26 -10.34
N ASP B 261 10.92 -51.28 -11.17
CA ASP B 261 10.03 -52.44 -11.01
C ASP B 261 10.12 -53.10 -9.66
N LEU B 262 11.33 -53.43 -9.24
CA LEU B 262 11.50 -54.04 -7.94
C LEU B 262 10.88 -53.12 -6.87
N LEU B 263 11.12 -51.81 -6.99
CA LEU B 263 10.58 -50.84 -6.02
C LEU B 263 9.06 -50.85 -6.03
N ALA B 264 8.51 -50.77 -7.24
CA ALA B 264 7.06 -50.79 -7.41
C ALA B 264 6.45 -52.00 -6.70
N GLN B 265 7.09 -53.16 -6.83
CA GLN B 265 6.63 -54.40 -6.22
C GLN B 265 6.57 -54.20 -4.72
N ALA B 266 7.68 -53.72 -4.16
CA ALA B 266 7.81 -53.47 -2.73
C ALA B 266 6.80 -52.47 -2.13
N GLY B 267 5.92 -51.91 -2.96
CA GLY B 267 4.91 -50.99 -2.44
C GLY B 267 5.35 -49.55 -2.25
N VAL B 268 6.26 -49.11 -3.10
CA VAL B 268 6.75 -47.74 -3.02
C VAL B 268 5.56 -46.84 -3.35
N ASP B 269 5.46 -45.72 -2.64
CA ASP B 269 4.36 -44.79 -2.87
C ASP B 269 4.68 -43.73 -3.91
N VAL B 270 5.89 -43.18 -3.84
CA VAL B 270 6.33 -42.15 -4.77
C VAL B 270 7.80 -42.32 -5.10
N VAL B 271 8.16 -41.94 -6.32
CA VAL B 271 9.54 -42.05 -6.78
C VAL B 271 10.00 -40.70 -7.32
N VAL B 272 11.27 -40.38 -7.11
CA VAL B 272 11.79 -39.12 -7.61
C VAL B 272 12.94 -39.39 -8.57
N LEU B 273 12.93 -38.68 -9.69
CA LEU B 273 13.97 -38.85 -10.67
C LEU B 273 15.20 -38.04 -10.25
N ASP B 274 16.34 -38.72 -10.13
CA ASP B 274 17.57 -38.09 -9.68
C ASP B 274 18.43 -37.49 -10.78
N SER B 275 18.37 -36.17 -10.94
CA SER B 275 19.15 -35.51 -11.97
C SER B 275 19.42 -34.07 -11.58
N SER B 276 20.55 -33.54 -12.04
CA SER B 276 20.87 -32.16 -11.74
C SER B 276 20.07 -31.28 -12.68
N GLN B 277 19.96 -31.70 -13.93
CA GLN B 277 19.22 -30.95 -14.92
C GLN B 277 18.18 -31.94 -15.41
N GLY B 278 17.01 -31.93 -14.80
CA GLY B 278 15.96 -32.86 -15.16
C GLY B 278 15.11 -32.56 -16.37
N ASN B 279 15.44 -31.54 -17.14
CA ASN B 279 14.66 -31.22 -18.32
C ASN B 279 15.29 -31.79 -19.57
N SER B 280 15.35 -33.11 -19.64
CA SER B 280 15.94 -33.81 -20.77
C SER B 280 14.95 -34.78 -21.34
N ILE B 281 15.09 -35.08 -22.62
CA ILE B 281 14.19 -36.04 -23.27
C ILE B 281 14.20 -37.38 -22.53
N PHE B 282 15.32 -37.67 -21.89
CA PHE B 282 15.48 -38.92 -21.15
C PHE B 282 14.49 -39.01 -20.00
N GLN B 283 14.42 -37.96 -19.18
CA GLN B 283 13.52 -37.95 -18.05
C GLN B 283 12.07 -37.91 -18.55
N ILE B 284 11.80 -37.04 -19.51
CA ILE B 284 10.46 -36.93 -20.09
C ILE B 284 9.94 -38.30 -20.50
N ASN B 285 10.77 -39.10 -21.18
CA ASN B 285 10.37 -40.45 -21.56
C ASN B 285 10.14 -41.24 -20.26
N MET B 286 11.18 -41.29 -19.44
CA MET B 286 11.13 -41.96 -18.15
C MET B 286 9.83 -41.63 -17.45
N ILE B 287 9.34 -40.41 -17.64
CA ILE B 287 8.10 -40.00 -16.99
C ILE B 287 6.95 -40.76 -17.61
N LYS B 288 6.79 -40.60 -18.92
CA LYS B 288 5.72 -41.25 -19.65
C LYS B 288 5.69 -42.75 -19.42
N TYR B 289 6.87 -43.38 -19.51
CA TYR B 289 6.99 -44.81 -19.28
C TYR B 289 6.35 -45.22 -17.95
N ILE B 290 6.70 -44.51 -16.90
CA ILE B 290 6.18 -44.79 -15.56
C ILE B 290 4.71 -44.50 -15.39
N LYS B 291 4.29 -43.31 -15.80
CA LYS B 291 2.89 -42.93 -15.66
C LYS B 291 2.04 -43.98 -16.34
N ASP B 292 2.42 -44.36 -17.55
CA ASP B 292 1.71 -45.37 -18.31
C ASP B 292 1.62 -46.69 -17.54
N LYS B 293 2.77 -47.35 -17.42
CA LYS B 293 2.85 -48.62 -16.67
C LYS B 293 2.14 -48.58 -15.33
N TYR B 294 2.59 -47.71 -14.42
CA TYR B 294 1.98 -47.61 -13.10
C TYR B 294 1.17 -46.33 -12.98
N PRO B 295 -0.13 -46.37 -13.32
CA PRO B 295 -0.98 -45.18 -13.23
C PRO B 295 -1.13 -44.77 -11.77
N ASN B 296 -1.36 -45.78 -10.94
CA ASN B 296 -1.55 -45.60 -9.53
C ASN B 296 -0.19 -45.40 -8.84
N LEU B 297 0.56 -44.39 -9.28
CA LEU B 297 1.89 -44.12 -8.70
C LEU B 297 2.38 -42.72 -8.98
N GLN B 298 2.81 -42.04 -7.93
CA GLN B 298 3.28 -40.65 -8.05
C GLN B 298 4.73 -40.56 -8.50
N VAL B 299 5.00 -39.60 -9.39
CA VAL B 299 6.35 -39.39 -9.92
C VAL B 299 6.76 -37.92 -9.76
N ILE B 300 7.88 -37.69 -9.10
CA ILE B 300 8.35 -36.34 -8.90
C ILE B 300 9.39 -36.04 -9.95
N GLY B 301 9.23 -34.88 -10.60
CA GLY B 301 10.14 -34.47 -11.65
C GLY B 301 11.55 -34.05 -11.25
N GLY B 302 12.53 -34.50 -12.04
CA GLY B 302 13.95 -34.20 -11.84
C GLY B 302 14.18 -32.77 -11.43
N ASN B 303 15.33 -32.47 -10.85
CA ASN B 303 15.58 -31.11 -10.39
C ASN B 303 15.62 -30.03 -11.45
N VAL B 304 14.73 -29.05 -11.33
CA VAL B 304 14.64 -27.93 -12.28
C VAL B 304 14.71 -26.61 -11.56
N VAL B 305 14.87 -25.53 -12.30
CA VAL B 305 14.94 -24.21 -11.71
C VAL B 305 14.19 -23.12 -12.45
N THR B 306 13.70 -23.44 -13.63
CA THR B 306 12.94 -22.47 -14.41
C THR B 306 11.52 -22.95 -14.75
N ALA B 307 10.67 -22.00 -15.11
CA ALA B 307 9.30 -22.33 -15.45
C ALA B 307 9.29 -23.10 -16.75
N ALA B 308 10.24 -22.82 -17.63
CA ALA B 308 10.33 -23.50 -18.90
C ALA B 308 10.66 -24.95 -18.69
N GLN B 309 11.61 -25.24 -17.81
CA GLN B 309 12.00 -26.62 -17.52
C GLN B 309 10.79 -27.37 -16.99
N ALA B 310 10.03 -26.72 -16.12
CA ALA B 310 8.87 -27.35 -15.54
C ALA B 310 7.82 -27.74 -16.56
N LYS B 311 7.52 -26.86 -17.50
CA LYS B 311 6.51 -27.13 -18.51
C LYS B 311 6.62 -28.50 -19.14
N ASN B 312 7.82 -28.91 -19.47
CA ASN B 312 8.02 -30.22 -20.07
C ASN B 312 7.66 -31.35 -19.12
N LEU B 313 8.01 -31.21 -17.84
CA LEU B 313 7.74 -32.25 -16.86
C LEU B 313 6.25 -32.29 -16.50
N ILE B 314 5.63 -31.12 -16.35
CA ILE B 314 4.22 -31.07 -16.02
C ILE B 314 3.43 -31.70 -17.14
N ASP B 315 3.96 -31.60 -18.36
CA ASP B 315 3.31 -32.18 -19.54
C ASP B 315 3.64 -33.67 -19.65
N ALA B 316 4.87 -34.02 -19.33
CA ALA B 316 5.25 -35.41 -19.38
C ALA B 316 4.28 -36.16 -18.49
N GLY B 317 3.82 -35.47 -17.45
CA GLY B 317 2.88 -36.05 -16.50
C GLY B 317 3.41 -36.26 -15.10
N VAL B 318 4.15 -35.31 -14.55
CA VAL B 318 4.68 -35.45 -13.21
C VAL B 318 3.65 -35.05 -12.15
N ASP B 319 3.88 -35.49 -10.93
CA ASP B 319 3.00 -35.18 -9.81
C ASP B 319 3.60 -34.14 -8.88
N ALA B 320 4.79 -33.65 -9.20
CA ALA B 320 5.47 -32.65 -8.38
C ALA B 320 6.76 -32.25 -9.05
N LEU B 321 7.41 -31.21 -8.53
CA LEU B 321 8.67 -30.74 -9.09
C LEU B 321 9.74 -30.58 -8.01
N ARG B 322 10.93 -31.11 -8.27
CA ARG B 322 12.05 -30.97 -7.33
C ARG B 322 12.85 -29.76 -7.76
N VAL B 323 12.60 -28.60 -7.14
CA VAL B 323 13.30 -27.39 -7.52
C VAL B 323 14.57 -27.20 -6.73
N GLY B 324 15.67 -26.96 -7.44
CA GLY B 324 16.93 -26.74 -6.76
C GLY B 324 18.12 -27.27 -7.54
N MET B 325 19.02 -26.38 -7.95
CA MET B 325 20.21 -26.80 -8.69
C MET B 325 21.48 -26.09 -8.16
N GLY B 326 22.29 -26.86 -7.42
CA GLY B 326 23.52 -26.33 -6.89
C GLY B 326 23.35 -25.52 -5.61
N SER B 327 22.51 -26.01 -4.69
CA SER B 327 22.26 -25.28 -3.45
C SER B 327 22.71 -26.15 -2.29
N GLY B 328 22.76 -27.45 -2.53
CA GLY B 328 23.16 -28.36 -1.48
C GLY B 328 24.49 -28.04 -0.86
N SER B 329 24.61 -28.32 0.44
CA SER B 329 25.84 -28.07 1.15
C SER B 329 27.02 -28.79 0.51
N ILE B 330 26.77 -30.01 0.04
CA ILE B 330 27.78 -30.85 -0.59
C ILE B 330 27.84 -30.75 -2.12
N CYS B 331 26.84 -30.09 -2.70
CA CYS B 331 26.79 -29.90 -4.15
C CYS B 331 27.67 -28.73 -4.52
N ILE B 332 28.52 -28.94 -5.51
CA ILE B 332 29.44 -27.90 -5.95
C ILE B 332 29.32 -27.71 -7.47
N THR B 333 28.12 -27.97 -7.99
CA THR B 333 27.85 -27.88 -9.42
C THR B 333 28.13 -26.52 -10.05
N GLN B 334 27.58 -25.48 -9.45
CA GLN B 334 27.78 -24.12 -9.96
C GLN B 334 29.25 -23.76 -10.09
N GLU B 335 30.08 -24.27 -9.18
CA GLU B 335 31.51 -23.95 -9.24
C GLU B 335 32.26 -24.72 -10.30
N VAL B 336 31.76 -25.89 -10.68
CA VAL B 336 32.45 -26.71 -11.69
C VAL B 336 31.73 -26.85 -13.02
N LEU B 337 30.65 -26.09 -13.20
CA LEU B 337 29.90 -26.11 -14.44
C LEU B 337 29.67 -24.70 -15.00
N ALA B 338 28.48 -24.15 -14.81
CA ALA B 338 28.15 -22.81 -15.31
C ALA B 338 26.65 -22.62 -15.30
N CYS B 339 25.93 -23.70 -14.98
CA CYS B 339 24.48 -23.65 -14.95
C CYS B 339 23.94 -23.85 -13.53
N GLY B 340 22.82 -23.21 -13.24
CA GLY B 340 22.20 -23.34 -11.93
C GLY B 340 21.37 -22.10 -11.63
N ARG B 341 20.96 -21.88 -10.39
CA ARG B 341 20.18 -20.69 -10.06
C ARG B 341 20.03 -20.54 -8.57
N PRO B 342 19.98 -19.29 -8.07
CA PRO B 342 19.83 -19.00 -6.64
C PRO B 342 18.52 -19.59 -6.13
N GLN B 343 18.64 -20.48 -5.15
CA GLN B 343 17.49 -21.20 -4.58
C GLN B 343 16.20 -20.41 -4.35
N ALA B 344 16.24 -19.42 -3.48
CA ALA B 344 15.05 -18.60 -3.19
C ALA B 344 14.31 -18.17 -4.46
N THR B 345 15.05 -17.67 -5.44
CA THR B 345 14.43 -17.23 -6.68
C THR B 345 13.83 -18.41 -7.45
N ALA B 346 14.60 -19.50 -7.54
CA ALA B 346 14.17 -20.70 -8.24
C ALA B 346 12.89 -21.24 -7.64
N VAL B 347 12.85 -21.35 -6.32
CA VAL B 347 11.66 -21.87 -5.67
C VAL B 347 10.46 -20.98 -5.98
N TYR B 348 10.64 -19.67 -5.88
CA TYR B 348 9.54 -18.78 -6.17
C TYR B 348 9.09 -18.86 -7.61
N LYS B 349 10.03 -18.76 -8.53
CA LYS B 349 9.71 -18.79 -9.94
C LYS B 349 9.04 -20.08 -10.40
N VAL B 350 9.59 -21.22 -10.03
CA VAL B 350 9.02 -22.49 -10.46
C VAL B 350 7.66 -22.80 -9.81
N SER B 351 7.45 -22.32 -8.60
CA SER B 351 6.20 -22.57 -7.89
C SER B 351 5.03 -21.74 -8.40
N GLU B 352 5.31 -20.49 -8.75
CA GLU B 352 4.29 -19.60 -9.25
C GLU B 352 3.73 -20.19 -10.53
N TYR B 353 4.54 -20.95 -11.24
CA TYR B 353 4.11 -21.56 -12.48
C TYR B 353 3.46 -22.91 -12.19
N ALA B 354 4.18 -23.75 -11.47
CA ALA B 354 3.70 -25.08 -11.13
C ALA B 354 2.32 -25.06 -10.47
N ARG B 355 2.09 -24.07 -9.61
CA ARG B 355 0.83 -23.95 -8.91
C ARG B 355 -0.31 -23.80 -9.89
N ARG B 356 -0.06 -23.14 -11.00
CA ARG B 356 -1.07 -22.93 -12.05
C ARG B 356 -1.52 -24.24 -12.69
N PHE B 357 -1.05 -25.37 -12.16
CA PHE B 357 -1.37 -26.70 -12.65
C PHE B 357 -1.60 -27.66 -11.50
N GLY B 358 -1.50 -27.17 -10.27
CA GLY B 358 -1.69 -28.01 -9.11
C GLY B 358 -0.57 -29.01 -8.93
N VAL B 359 0.65 -28.61 -9.29
CA VAL B 359 1.83 -29.46 -9.16
C VAL B 359 2.69 -28.93 -8.03
N PRO B 360 2.72 -29.63 -6.89
CA PRO B 360 3.51 -29.23 -5.73
C PRO B 360 4.99 -29.10 -6.05
N VAL B 361 5.67 -28.21 -5.33
CA VAL B 361 7.11 -28.02 -5.53
C VAL B 361 7.86 -28.34 -4.26
N ILE B 362 8.95 -29.07 -4.41
CA ILE B 362 9.77 -29.44 -3.26
C ILE B 362 11.04 -28.63 -3.28
N ALA B 363 11.13 -27.67 -2.38
CA ALA B 363 12.31 -26.83 -2.29
C ALA B 363 13.45 -27.68 -1.77
N ASP B 364 14.28 -28.18 -2.67
CA ASP B 364 15.40 -29.01 -2.28
C ASP B 364 16.74 -28.29 -2.44
N GLY B 365 17.51 -28.29 -1.37
CA GLY B 365 18.80 -27.64 -1.39
C GLY B 365 18.76 -26.21 -0.89
N GLY B 366 19.73 -25.85 -0.06
CA GLY B 366 19.81 -24.50 0.46
C GLY B 366 19.28 -24.29 1.86
N ILE B 367 18.54 -25.26 2.38
CA ILE B 367 17.97 -25.15 3.71
C ILE B 367 19.05 -25.41 4.74
N GLN B 368 19.64 -24.35 5.28
CA GLN B 368 20.71 -24.54 6.26
C GLN B 368 20.29 -24.25 7.68
N ASN B 369 18.99 -24.04 7.90
CA ASN B 369 18.42 -23.76 9.22
C ASN B 369 16.90 -23.68 9.21
N VAL B 370 16.28 -23.92 10.36
CA VAL B 370 14.85 -23.87 10.49
C VAL B 370 14.28 -22.73 9.68
N GLY B 371 14.86 -21.55 9.88
CA GLY B 371 14.41 -20.34 9.21
C GLY B 371 14.20 -20.44 7.71
N HIS B 372 15.16 -21.04 7.03
CA HIS B 372 15.10 -21.21 5.58
C HIS B 372 13.94 -22.06 5.10
N ILE B 373 13.37 -22.86 5.99
CA ILE B 373 12.25 -23.72 5.65
C ILE B 373 11.01 -22.86 5.48
N ALA B 374 10.72 -22.04 6.48
CA ALA B 374 9.55 -21.18 6.42
C ALA B 374 9.65 -20.28 5.22
N LYS B 375 10.87 -19.84 4.91
CA LYS B 375 11.10 -18.97 3.77
C LYS B 375 10.76 -19.67 2.47
N ALA B 376 11.27 -20.88 2.29
CA ALA B 376 11.02 -21.65 1.07
C ALA B 376 9.53 -21.87 0.91
N LEU B 377 8.86 -22.25 2.00
CA LEU B 377 7.43 -22.50 1.97
C LEU B 377 6.65 -21.23 1.65
N ALA B 378 7.05 -20.11 2.22
CA ALA B 378 6.35 -18.84 2.00
C ALA B 378 6.47 -18.32 0.59
N LEU B 379 7.38 -18.88 -0.19
CA LEU B 379 7.61 -18.43 -1.55
C LEU B 379 6.90 -19.25 -2.59
N GLY B 380 6.11 -20.20 -2.15
CA GLY B 380 5.37 -21.02 -3.10
C GLY B 380 5.62 -22.51 -2.97
N ALA B 381 6.64 -22.88 -2.21
CA ALA B 381 6.94 -24.29 -2.02
C ALA B 381 5.90 -24.99 -1.11
N SER B 382 5.54 -26.21 -1.45
CA SER B 382 4.58 -26.97 -0.66
C SER B 382 5.29 -27.77 0.42
N THR B 383 6.49 -28.25 0.11
CA THR B 383 7.31 -29.01 1.05
C THR B 383 8.76 -28.68 0.81
N VAL B 384 9.61 -29.06 1.76
CA VAL B 384 11.04 -28.82 1.64
C VAL B 384 11.84 -30.10 1.90
N MET B 385 12.90 -30.32 1.13
CA MET B 385 13.73 -31.50 1.27
C MET B 385 15.07 -31.14 1.90
N MET B 386 15.56 -31.99 2.78
CA MET B 386 16.80 -31.72 3.49
C MET B 386 17.81 -32.86 3.41
N GLY B 387 19.08 -32.49 3.58
CA GLY B 387 20.14 -33.47 3.54
C GLY B 387 21.07 -33.25 4.70
N SER B 388 21.94 -32.26 4.59
CA SER B 388 22.88 -31.95 5.65
C SER B 388 22.16 -31.71 6.98
N LEU B 389 21.10 -30.91 6.95
CA LEU B 389 20.36 -30.58 8.17
C LEU B 389 19.73 -31.80 8.78
N LEU B 390 20.03 -32.96 8.24
CA LEU B 390 19.50 -34.20 8.75
C LEU B 390 20.56 -35.26 8.58
N ALA B 391 21.82 -34.91 8.83
CA ALA B 391 22.90 -35.87 8.67
C ALA B 391 23.30 -36.43 10.02
N ALA B 392 23.84 -35.58 10.87
CA ALA B 392 24.26 -36.04 12.18
C ALA B 392 23.24 -36.97 12.80
N THR B 393 21.95 -36.70 12.58
CA THR B 393 20.86 -37.52 13.16
C THR B 393 21.23 -39.01 13.35
N THR B 394 20.68 -39.61 14.40
CA THR B 394 20.96 -41.00 14.70
C THR B 394 20.26 -41.96 13.75
N GLU B 395 19.18 -41.52 13.12
CA GLU B 395 18.47 -42.40 12.22
C GLU B 395 19.14 -42.48 10.86
N ALA B 396 20.09 -41.58 10.62
CA ALA B 396 20.77 -41.54 9.34
C ALA B 396 21.80 -42.65 9.20
N PRO B 397 22.09 -43.06 7.96
CA PRO B 397 23.06 -44.12 7.68
C PRO B 397 24.45 -43.81 8.23
N GLY B 398 25.16 -44.87 8.62
CA GLY B 398 26.50 -44.69 9.16
C GLY B 398 26.54 -44.56 10.67
N GLU B 399 27.75 -44.67 11.23
CA GLU B 399 27.94 -44.58 12.68
C GLU B 399 28.83 -43.39 13.02
N TYR B 400 28.68 -42.84 14.23
CA TYR B 400 29.47 -41.67 14.64
C TYR B 400 30.91 -42.03 15.02
N PHE B 401 31.80 -41.04 14.94
CA PHE B 401 33.20 -41.28 15.26
C PHE B 401 33.89 -39.99 15.69
N PHE B 402 33.90 -39.76 17.01
CA PHE B 402 34.50 -38.55 17.57
C PHE B 402 35.79 -38.20 16.85
N SER B 403 35.93 -36.93 16.51
CA SER B 403 37.14 -36.46 15.83
C SER B 403 37.51 -35.04 16.26
N ASP B 404 38.65 -34.94 16.96
CA ASP B 404 39.19 -33.67 17.48
C ASP B 404 38.30 -33.11 18.61
N GLY B 405 38.09 -33.95 19.62
CA GLY B 405 37.28 -33.52 20.74
C GLY B 405 35.87 -33.14 20.36
N ILE B 406 35.41 -33.58 19.19
CA ILE B 406 34.05 -33.26 18.72
C ILE B 406 33.35 -34.45 18.04
N ARG B 407 32.03 -34.51 18.17
CA ARG B 407 31.22 -35.57 17.57
C ARG B 407 31.33 -35.54 16.04
N LEU B 408 30.75 -36.53 15.35
CA LEU B 408 30.84 -36.57 13.89
C LEU B 408 29.91 -37.60 13.25
N LYS B 409 29.66 -37.39 11.96
CA LYS B 409 28.79 -38.27 11.20
C LYS B 409 29.00 -37.96 9.72
N LYS B 410 29.43 -38.98 8.99
CA LYS B 410 29.69 -38.85 7.57
C LYS B 410 28.53 -38.18 6.81
N TYR B 411 28.85 -37.54 5.68
CA TYR B 411 27.84 -36.90 4.85
C TYR B 411 28.47 -36.34 3.57
N ARG B 412 27.98 -36.82 2.42
CA ARG B 412 28.50 -36.41 1.12
C ARG B 412 27.44 -36.40 0.04
N GLY B 413 27.75 -35.76 -1.07
CA GLY B 413 26.81 -35.68 -2.17
C GLY B 413 26.88 -36.90 -3.06
N MET B 414 25.72 -37.32 -3.54
CA MET B 414 25.64 -38.49 -4.41
C MET B 414 26.40 -38.23 -5.71
N GLY B 415 26.81 -36.98 -5.91
CA GLY B 415 27.54 -36.64 -7.11
C GLY B 415 29.05 -36.68 -6.89
N SER B 416 29.46 -37.02 -5.66
CA SER B 416 30.88 -37.06 -5.32
C SER B 416 31.51 -38.31 -5.94
N LEU B 417 32.83 -38.26 -6.14
CA LEU B 417 33.57 -39.39 -6.71
C LEU B 417 33.39 -40.66 -5.86
N ASP B 418 33.39 -40.47 -4.54
CA ASP B 418 33.19 -41.61 -3.65
C ASP B 418 31.82 -42.23 -3.85
N ALA B 419 30.77 -41.42 -3.70
CA ALA B 419 29.42 -41.93 -3.87
C ALA B 419 29.30 -42.62 -5.22
N MET B 420 29.93 -42.05 -6.26
CA MET B 420 29.88 -42.64 -7.60
C MET B 420 30.87 -43.80 -7.74
N ILE B 437 37.16 -40.10 -17.22
CA ILE B 437 36.49 -40.30 -15.93
C ILE B 437 35.64 -39.13 -15.39
N LYS B 438 34.60 -39.57 -14.69
CA LYS B 438 33.43 -38.79 -14.46
C LYS B 438 33.82 -37.47 -13.80
N VAL B 439 33.00 -36.46 -14.07
CA VAL B 439 33.24 -35.15 -13.50
C VAL B 439 32.51 -35.06 -12.14
N ALA B 440 33.28 -34.94 -11.07
CA ALA B 440 32.70 -34.81 -9.75
C ALA B 440 31.96 -33.48 -9.68
N GLN B 441 30.72 -33.52 -9.22
CA GLN B 441 29.91 -32.31 -9.06
C GLN B 441 29.52 -32.13 -7.57
N GLY B 442 30.05 -32.99 -6.72
CA GLY B 442 29.72 -32.88 -5.31
C GLY B 442 30.96 -33.13 -4.48
N VAL B 443 30.84 -32.97 -3.17
CA VAL B 443 31.96 -33.17 -2.28
C VAL B 443 31.60 -34.15 -1.19
N SER B 444 32.63 -34.60 -0.47
CA SER B 444 32.44 -35.55 0.62
C SER B 444 32.86 -34.96 1.97
N GLY B 445 32.12 -35.30 3.02
CA GLY B 445 32.47 -34.78 4.33
C GLY B 445 31.72 -35.43 5.47
N ALA B 446 31.45 -34.61 6.49
CA ALA B 446 30.74 -35.07 7.67
C ALA B 446 30.28 -33.87 8.50
N VAL B 447 29.30 -34.10 9.38
CA VAL B 447 28.79 -33.03 10.23
C VAL B 447 28.81 -33.36 11.72
N GLN B 448 28.34 -32.41 12.54
CA GLN B 448 28.32 -32.57 13.99
C GLN B 448 27.38 -33.68 14.46
N ASP B 449 26.60 -33.38 15.51
CA ASP B 449 25.67 -34.37 16.06
C ASP B 449 24.41 -33.77 16.65
N LYS B 450 23.30 -34.03 15.97
CA LYS B 450 21.99 -33.55 16.41
C LYS B 450 21.31 -34.68 17.19
N GLY B 451 20.12 -34.43 17.72
CA GLY B 451 19.47 -35.50 18.48
C GLY B 451 18.99 -36.65 17.62
N SER B 452 17.72 -36.99 17.79
CA SER B 452 17.12 -38.06 17.01
C SER B 452 15.97 -37.46 16.19
N ILE B 453 15.78 -37.98 14.99
CA ILE B 453 14.71 -37.48 14.15
C ILE B 453 13.37 -37.42 14.89
N HIS B 454 13.24 -38.18 15.98
CA HIS B 454 11.97 -38.16 16.72
C HIS B 454 11.82 -36.93 17.59
N LYS B 455 12.91 -36.21 17.79
CA LYS B 455 12.89 -34.99 18.60
C LYS B 455 13.31 -33.81 17.76
N PHE B 456 14.19 -34.06 16.78
CA PHE B 456 14.68 -33.00 15.90
C PHE B 456 13.56 -32.45 15.02
N VAL B 457 12.85 -33.35 14.35
CA VAL B 457 11.76 -32.94 13.49
C VAL B 457 10.76 -32.10 14.30
N PRO B 458 10.30 -32.60 15.46
CA PRO B 458 9.34 -31.85 16.28
C PRO B 458 9.83 -30.42 16.52
N TYR B 459 11.14 -30.24 16.62
CA TYR B 459 11.72 -28.91 16.81
C TYR B 459 11.50 -28.05 15.56
N LEU B 460 11.68 -28.67 14.40
CA LEU B 460 11.53 -27.96 13.15
C LEU B 460 10.09 -27.51 13.04
N ILE B 461 9.17 -28.35 13.49
CA ILE B 461 7.76 -28.07 13.44
C ILE B 461 7.42 -26.85 14.28
N ALA B 462 8.01 -26.77 15.46
CA ALA B 462 7.80 -25.66 16.36
C ALA B 462 8.26 -24.41 15.67
N GLY B 463 9.48 -24.43 15.15
CA GLY B 463 9.99 -23.27 14.46
C GLY B 463 9.05 -22.82 13.39
N ILE B 464 8.83 -23.68 12.39
CA ILE B 464 7.94 -23.35 11.30
C ILE B 464 6.63 -22.76 11.80
N GLN B 465 6.12 -23.28 12.91
CA GLN B 465 4.87 -22.78 13.50
C GLN B 465 5.11 -21.40 14.11
N HIS B 466 6.19 -21.25 14.85
CA HIS B 466 6.53 -19.98 15.46
C HIS B 466 6.70 -18.96 14.35
N SER B 467 7.25 -19.39 13.21
CA SER B 467 7.45 -18.52 12.06
C SER B 467 6.12 -18.07 11.52
N CYS B 468 5.24 -19.02 11.23
CA CYS B 468 3.92 -18.69 10.73
C CYS B 468 3.17 -17.74 11.65
N GLN B 469 3.30 -17.93 12.96
CA GLN B 469 2.62 -17.08 13.90
C GLN B 469 3.10 -15.64 13.72
N ASP B 470 4.41 -15.42 13.90
CA ASP B 470 5.00 -14.09 13.79
C ASP B 470 4.53 -13.38 12.55
N ILE B 471 4.30 -14.11 11.48
CA ILE B 471 3.81 -13.51 10.24
C ILE B 471 2.32 -13.16 10.38
N GLY B 472 1.53 -14.11 10.87
CA GLY B 472 0.11 -13.88 11.06
C GLY B 472 -0.72 -14.94 10.38
N ALA B 473 -0.09 -16.01 9.90
CA ALA B 473 -0.81 -17.09 9.22
C ALA B 473 -1.02 -18.30 10.13
N LYS B 474 -2.22 -18.86 10.12
CA LYS B 474 -2.55 -20.03 10.95
C LYS B 474 -2.26 -21.35 10.23
N SER B 475 -1.75 -21.26 9.01
CA SER B 475 -1.41 -22.43 8.21
C SER B 475 -0.48 -22.08 7.05
N LEU B 476 0.16 -23.09 6.49
CA LEU B 476 1.05 -22.89 5.34
C LEU B 476 0.23 -22.51 4.11
N THR B 477 -0.97 -23.05 3.99
CA THR B 477 -1.83 -22.75 2.87
C THR B 477 -2.06 -21.24 2.85
N GLN B 478 -2.19 -20.66 4.04
CA GLN B 478 -2.43 -19.23 4.19
C GLN B 478 -1.18 -18.40 3.86
N VAL B 479 -0.04 -18.83 4.37
CA VAL B 479 1.19 -18.10 4.12
C VAL B 479 1.37 -17.88 2.63
N ARG B 480 1.11 -18.89 1.81
CA ARG B 480 1.27 -18.76 0.37
C ARG B 480 0.18 -17.88 -0.21
N ALA B 481 -1.05 -18.02 0.27
CA ALA B 481 -2.14 -17.19 -0.21
C ALA B 481 -1.87 -15.74 0.08
N MET B 482 -1.16 -15.49 1.17
CA MET B 482 -0.83 -14.13 1.56
C MET B 482 0.25 -13.52 0.67
N MET B 483 1.32 -14.28 0.41
CA MET B 483 2.40 -13.77 -0.41
C MET B 483 1.99 -13.57 -1.86
N TYR B 484 1.07 -14.38 -2.36
CA TYR B 484 0.62 -14.23 -3.73
C TYR B 484 -0.39 -13.09 -3.84
N SER B 485 -1.01 -12.72 -2.72
CA SER B 485 -2.00 -11.65 -2.73
C SER B 485 -1.32 -10.29 -2.56
N GLY B 486 -0.12 -10.30 -2.01
CA GLY B 486 0.57 -9.05 -1.81
C GLY B 486 0.46 -8.57 -0.38
N GLU B 487 -0.21 -9.35 0.47
CA GLU B 487 -0.35 -8.97 1.88
C GLU B 487 0.91 -9.26 2.65
N LEU B 488 1.56 -10.36 2.31
CA LEU B 488 2.79 -10.75 2.97
C LEU B 488 3.86 -9.84 2.46
N LYS B 489 4.65 -9.26 3.37
CA LYS B 489 5.70 -8.32 2.99
C LYS B 489 7.14 -8.81 3.16
N PHE B 490 8.03 -8.33 2.31
CA PHE B 490 9.44 -8.71 2.35
C PHE B 490 10.34 -7.48 2.33
N GLU B 491 11.61 -7.70 2.64
CA GLU B 491 12.58 -6.62 2.65
C GLU B 491 13.97 -7.22 2.40
N LYS B 492 14.70 -6.64 1.46
CA LYS B 492 16.03 -7.13 1.15
C LYS B 492 16.94 -6.93 2.35
N ARG B 493 18.03 -7.69 2.41
CA ARG B 493 18.98 -7.58 3.51
C ARG B 493 20.38 -7.36 2.97
N THR B 494 21.00 -6.22 3.32
CA THR B 494 22.36 -5.91 2.88
C THR B 494 23.34 -6.81 3.65
N SER B 495 24.58 -6.88 3.19
CA SER B 495 25.58 -7.71 3.86
C SER B 495 25.72 -7.36 5.35
N SER B 496 25.63 -6.06 5.66
CA SER B 496 25.71 -5.57 7.03
C SER B 496 24.44 -5.97 7.75
N ALA B 497 23.32 -6.02 7.01
CA ALA B 497 22.03 -6.41 7.56
C ALA B 497 22.05 -7.89 7.89
N GLN B 498 22.76 -8.67 7.08
CA GLN B 498 22.90 -10.11 7.29
C GLN B 498 23.80 -10.35 8.51
N VAL B 499 24.86 -9.56 8.62
CA VAL B 499 25.78 -9.65 9.76
C VAL B 499 25.01 -9.33 11.03
N GLU B 500 24.20 -8.29 10.98
CA GLU B 500 23.44 -7.89 12.17
C GLU B 500 22.40 -8.96 12.45
N GLY B 501 21.97 -9.65 11.40
CA GLY B 501 20.98 -10.70 11.56
C GLY B 501 21.46 -11.87 12.41
N GLY B 502 22.74 -12.21 12.29
CA GLY B 502 23.30 -13.29 13.07
C GLY B 502 23.94 -12.78 14.35
N VAL B 503 24.69 -13.66 15.01
CA VAL B 503 25.35 -13.30 16.26
C VAL B 503 26.52 -12.36 15.98
N HIS B 504 26.65 -11.30 16.76
CA HIS B 504 27.71 -10.32 16.57
C HIS B 504 28.00 -9.59 17.86
N SER B 505 29.13 -8.91 17.88
CA SER B 505 29.56 -8.14 19.04
C SER B 505 29.80 -8.93 20.33
N LEU B 506 30.01 -10.23 20.19
CA LEU B 506 30.29 -11.07 21.36
C LEU B 506 31.77 -11.50 21.37
N HIS B 507 32.31 -11.62 22.57
CA HIS B 507 33.70 -12.04 22.76
C HIS B 507 33.80 -13.56 22.59
N SER B 508 32.69 -14.24 22.85
CA SER B 508 32.61 -15.70 22.72
C SER B 508 31.18 -16.12 22.99
N TYR B 509 30.80 -17.30 22.50
CA TYR B 509 29.45 -17.79 22.71
C TYR B 509 29.28 -19.23 22.20
N GLU B 510 28.28 -19.93 22.73
CA GLU B 510 27.97 -21.28 22.31
C GLU B 510 26.56 -21.27 21.73
N LYS B 511 26.12 -22.41 21.22
CA LYS B 511 24.78 -22.43 20.65
C LYS B 511 24.07 -23.78 20.79
N ARG B 512 22.84 -23.70 21.27
CA ARG B 512 21.98 -24.86 21.43
C ARG B 512 20.62 -24.40 20.86
N LEU B 513 20.08 -25.18 19.94
CA LEU B 513 18.83 -24.79 19.29
C LEU B 513 17.46 -25.24 19.89
N PHE B 514 17.39 -26.44 20.46
CA PHE B 514 16.11 -26.91 21.04
C PHE B 514 16.28 -27.60 22.39
#